data_5JHI
#
_entry.id   5JHI
#
_entity_poly.entity_id   1
_entity_poly.type   'polypeptide(L)'
_entity_poly.pdbx_seq_one_letter_code
;CKQRRRYRGSEEECRKYAEELSRRTGCEVEVECET
;
_entity_poly.pdbx_strand_id   A
#
# COMPACT_ATOMS: atom_id res chain seq x y z
N CYS A 1 0.43 10.00 11.50
CA CYS A 1 -0.35 9.50 10.35
C CYS A 1 0.20 8.14 9.87
N LYS A 2 -0.35 7.07 10.46
CA LYS A 2 -0.03 5.70 10.07
C LYS A 2 -1.34 5.00 9.70
N GLN A 3 -1.67 5.00 8.41
CA GLN A 3 -2.97 4.52 7.95
C GLN A 3 -2.79 3.26 7.12
N ARG A 4 -3.90 2.64 6.72
CA ARG A 4 -3.83 1.39 5.97
C ARG A 4 -5.03 1.23 5.03
N ARG A 5 -4.80 0.49 3.95
CA ARG A 5 -5.84 0.20 2.95
C ARG A 5 -5.85 -1.30 2.63
N ARG A 6 -6.95 -1.76 2.05
CA ARG A 6 -7.05 -3.14 1.58
C ARG A 6 -7.15 -3.14 0.05
N TYR A 7 -6.12 -3.65 -0.59
CA TYR A 7 -5.95 -3.56 -2.03
C TYR A 7 -6.04 -4.95 -2.65
N ARG A 8 -6.61 -5.03 -3.85
CA ARG A 8 -6.74 -6.30 -4.55
C ARG A 8 -5.89 -6.28 -5.82
N GLY A 9 -5.09 -7.33 -6.01
CA GLY A 9 -4.23 -7.44 -7.17
C GLY A 9 -3.13 -8.45 -6.95
N SER A 10 -2.06 -8.34 -7.73
CA SER A 10 -0.91 -9.23 -7.59
C SER A 10 -0.03 -8.75 -6.42
N GLU A 11 0.69 -9.69 -5.81
CA GLU A 11 1.57 -9.41 -4.68
C GLU A 11 2.46 -8.20 -4.96
N GLU A 12 3.12 -8.24 -6.12
CA GLU A 12 4.01 -7.16 -6.55
C GLU A 12 3.25 -5.85 -6.66
N GLU A 13 2.06 -5.89 -7.25
CA GLU A 13 1.20 -4.72 -7.40
C GLU A 13 0.83 -4.15 -6.04
N CYS A 14 0.61 -5.05 -5.08
CA CYS A 14 0.32 -4.66 -3.71
C CYS A 14 1.53 -3.97 -3.08
N ARG A 15 2.72 -4.53 -3.34
CA ARG A 15 3.97 -3.96 -2.82
C ARG A 15 4.25 -2.61 -3.47
N LYS A 16 3.90 -2.50 -4.76
CA LYS A 16 4.11 -1.30 -5.52
C LYS A 16 3.13 -0.22 -5.05
N TYR A 17 1.90 -0.64 -4.80
CA TYR A 17 0.87 0.24 -4.26
C TYR A 17 1.33 0.82 -2.92
N ALA A 18 1.89 -0.06 -2.09
CA ALA A 18 2.41 0.31 -0.77
C ALA A 18 3.54 1.34 -0.88
N GLU A 19 4.57 1.00 -1.66
CA GLU A 19 5.75 1.86 -1.77
C GLU A 19 5.38 3.21 -2.38
N GLU A 20 4.56 3.19 -3.43
CA GLU A 20 4.09 4.42 -4.07
C GLU A 20 3.36 5.30 -3.07
N LEU A 21 2.38 4.72 -2.38
CA LEU A 21 1.60 5.46 -1.39
C LEU A 21 2.51 6.04 -0.30
N SER A 22 3.45 5.23 0.16
CA SER A 22 4.29 5.61 1.29
C SER A 22 5.26 6.73 0.92
N ARG A 23 5.75 6.73 -0.33
CA ARG A 23 6.67 7.78 -0.78
C ARG A 23 5.89 9.02 -1.22
N ARG A 24 4.68 8.80 -1.73
CA ARG A 24 3.84 9.89 -2.22
C ARG A 24 3.37 10.76 -1.05
N THR A 25 2.88 10.10 -0.01
CA THR A 25 2.42 10.78 1.19
C THR A 25 3.54 10.82 2.23
N GLY A 26 3.76 11.98 2.83
CA GLY A 26 4.77 12.10 3.87
C GLY A 26 4.32 11.50 5.19
N CYS A 27 3.95 10.23 5.14
CA CYS A 27 3.40 9.51 6.29
C CYS A 27 3.70 8.03 6.13
N GLU A 28 3.09 7.20 6.98
CA GLU A 28 3.25 5.76 6.88
C GLU A 28 1.92 5.13 6.49
N VAL A 29 1.93 4.34 5.43
CA VAL A 29 0.73 3.65 4.97
C VAL A 29 1.01 2.15 4.86
N GLU A 30 0.05 1.37 5.30
CA GLU A 30 0.14 -0.08 5.25
C GLU A 30 -0.91 -0.60 4.27
N VAL A 31 -0.58 -1.66 3.54
CA VAL A 31 -1.50 -2.21 2.56
C VAL A 31 -1.75 -3.68 2.84
N GLU A 32 -2.97 -4.11 2.54
CA GLU A 32 -3.34 -5.51 2.65
C GLU A 32 -3.60 -6.02 1.24
N CYS A 33 -3.17 -7.24 0.95
CA CYS A 33 -3.19 -7.74 -0.42
C CYS A 33 -4.18 -8.88 -0.58
N GLU A 34 -5.23 -8.63 -1.35
CA GLU A 34 -6.25 -9.63 -1.65
C GLU A 34 -6.20 -9.97 -3.14
N THR A 35 -6.67 -11.15 -3.50
CA THR A 35 -6.67 -11.59 -4.89
C THR A 35 -7.92 -12.42 -5.18
N CYS A 1 1.29 9.63 12.45
CA CYS A 1 0.11 9.29 11.64
C CYS A 1 0.34 8.01 10.83
N LYS A 2 -0.17 6.90 11.34
CA LYS A 2 -0.08 5.61 10.64
C LYS A 2 -1.45 5.20 10.10
N GLN A 3 -1.47 4.77 8.84
CA GLN A 3 -2.71 4.37 8.18
C GLN A 3 -2.47 3.10 7.36
N ARG A 4 -3.56 2.43 6.97
CA ARG A 4 -3.47 1.23 6.13
C ARG A 4 -4.67 1.15 5.19
N ARG A 5 -4.39 0.86 3.92
CA ARG A 5 -5.44 0.65 2.91
C ARG A 5 -5.38 -0.78 2.42
N ARG A 6 -6.26 -1.15 1.50
CA ARG A 6 -6.27 -2.51 0.96
C ARG A 6 -6.33 -2.47 -0.57
N TYR A 7 -5.80 -3.52 -1.19
CA TYR A 7 -5.70 -3.62 -2.64
C TYR A 7 -5.82 -5.08 -3.05
N ARG A 8 -6.52 -5.34 -4.16
CA ARG A 8 -6.69 -6.71 -4.64
C ARG A 8 -6.00 -6.88 -5.99
N GLY A 9 -5.24 -7.98 -6.12
CA GLY A 9 -4.52 -8.27 -7.34
C GLY A 9 -3.38 -9.24 -7.09
N SER A 10 -2.23 -8.98 -7.69
CA SER A 10 -1.05 -9.81 -7.50
C SER A 10 -0.14 -9.21 -6.43
N GLU A 11 0.62 -10.07 -5.75
CA GLU A 11 1.53 -9.64 -4.67
C GLU A 11 2.40 -8.48 -5.13
N GLU A 12 2.95 -8.60 -6.34
CA GLU A 12 3.79 -7.55 -6.93
C GLU A 12 3.04 -6.21 -6.93
N GLU A 13 1.82 -6.24 -7.45
CA GLU A 13 0.97 -5.05 -7.53
C GLU A 13 0.73 -4.47 -6.13
N CYS A 14 0.44 -5.37 -5.18
CA CYS A 14 0.16 -4.97 -3.80
C CYS A 14 1.34 -4.22 -3.20
N ARG A 15 2.54 -4.78 -3.36
CA ARG A 15 3.75 -4.20 -2.79
C ARG A 15 4.10 -2.87 -3.46
N LYS A 16 3.97 -2.82 -4.77
CA LYS A 16 4.31 -1.59 -5.51
C LYS A 16 3.32 -0.48 -5.17
N TYR A 17 2.05 -0.83 -5.04
CA TYR A 17 1.02 0.13 -4.65
C TYR A 17 1.33 0.65 -3.25
N ALA A 18 1.70 -0.27 -2.36
CA ALA A 18 2.06 0.08 -0.98
C ALA A 18 3.23 1.04 -0.96
N GLU A 19 4.25 0.73 -1.74
CA GLU A 19 5.46 1.55 -1.81
C GLU A 19 5.14 2.95 -2.31
N GLU A 20 4.44 3.03 -3.44
CA GLU A 20 4.06 4.30 -4.04
C GLU A 20 3.22 5.12 -3.07
N LEU A 21 2.27 4.47 -2.42
CA LEU A 21 1.39 5.14 -1.45
C LEU A 21 2.20 5.62 -0.25
N SER A 22 3.17 4.81 0.15
CA SER A 22 4.03 5.12 1.29
C SER A 22 4.88 6.37 1.01
N ARG A 23 5.47 6.42 -0.18
CA ARG A 23 6.34 7.54 -0.56
C ARG A 23 5.50 8.78 -0.93
N ARG A 24 4.28 8.54 -1.37
CA ARG A 24 3.38 9.63 -1.78
C ARG A 24 2.80 10.36 -0.55
N THR A 25 2.30 9.60 0.40
CA THR A 25 1.61 10.17 1.56
C THR A 25 2.59 10.74 2.58
N GLY A 26 2.28 11.92 3.10
CA GLY A 26 3.10 12.53 4.14
C GLY A 26 2.81 11.94 5.51
N CYS A 27 3.05 10.63 5.63
CA CYS A 27 2.77 9.87 6.85
C CYS A 27 3.40 8.49 6.75
N GLU A 28 2.98 7.58 7.63
CA GLU A 28 3.39 6.18 7.55
C GLU A 28 2.16 5.33 7.23
N VAL A 29 2.02 4.98 5.96
CA VAL A 29 0.83 4.28 5.49
C VAL A 29 1.21 2.97 4.82
N GLU A 30 0.44 1.93 5.09
CA GLU A 30 0.63 0.62 4.48
C GLU A 30 -0.56 0.22 3.66
N VAL A 31 -0.45 -0.96 3.09
CA VAL A 31 -1.50 -1.53 2.25
C VAL A 31 -1.63 -3.02 2.54
N GLU A 32 -2.82 -3.54 2.28
CA GLU A 32 -3.11 -4.96 2.48
C GLU A 32 -3.35 -5.59 1.11
N CYS A 33 -3.03 -6.86 0.97
CA CYS A 33 -3.10 -7.52 -0.34
C CYS A 33 -4.19 -8.59 -0.33
N GLU A 34 -5.07 -8.51 -1.31
CA GLU A 34 -6.17 -9.46 -1.48
C GLU A 34 -6.18 -9.93 -2.94
N THR A 35 -7.12 -10.81 -3.27
CA THR A 35 -7.25 -11.30 -4.64
C THR A 35 -8.70 -11.70 -4.92
N CYS A 1 1.79 9.24 11.85
CA CYS A 1 0.74 9.19 10.81
C CYS A 1 0.75 7.83 10.11
N LYS A 2 -0.34 7.07 10.27
CA LYS A 2 -0.48 5.76 9.65
C LYS A 2 -1.72 5.73 8.76
N GLN A 3 -1.59 5.14 7.58
CA GLN A 3 -2.73 4.96 6.67
C GLN A 3 -2.85 3.48 6.34
N ARG A 4 -4.02 2.90 6.61
CA ARG A 4 -4.26 1.49 6.32
C ARG A 4 -5.31 1.34 5.23
N ARG A 5 -4.98 0.57 4.21
CA ARG A 5 -5.90 0.29 3.11
C ARG A 5 -5.93 -1.21 2.81
N ARG A 6 -7.05 -1.66 2.27
CA ARG A 6 -7.17 -3.03 1.78
C ARG A 6 -7.35 -3.00 0.27
N TYR A 7 -6.48 -3.74 -0.41
CA TYR A 7 -6.35 -3.64 -1.87
C TYR A 7 -6.40 -5.03 -2.49
N ARG A 8 -6.80 -5.13 -3.74
CA ARG A 8 -6.75 -6.40 -4.45
C ARG A 8 -5.73 -6.33 -5.59
N GLY A 9 -4.83 -7.29 -5.65
CA GLY A 9 -3.81 -7.29 -6.68
C GLY A 9 -2.70 -8.28 -6.42
N SER A 10 -1.87 -8.50 -7.44
CA SER A 10 -0.74 -9.40 -7.34
C SER A 10 0.25 -8.91 -6.28
N GLU A 11 1.09 -9.81 -5.77
CA GLU A 11 2.10 -9.46 -4.77
C GLU A 11 2.89 -8.23 -5.22
N GLU A 12 3.31 -8.24 -6.48
CA GLU A 12 4.03 -7.14 -7.08
C GLU A 12 3.22 -5.85 -7.00
N GLU A 13 1.97 -5.92 -7.42
CA GLU A 13 1.07 -4.76 -7.39
C GLU A 13 0.98 -4.20 -5.98
N CYS A 14 0.92 -5.10 -5.01
CA CYS A 14 0.84 -4.75 -3.60
C CYS A 14 2.12 -4.01 -3.16
N ARG A 15 3.27 -4.50 -3.63
CA ARG A 15 4.55 -3.84 -3.36
C ARG A 15 4.56 -2.43 -3.93
N LYS A 16 4.24 -2.33 -5.21
CA LYS A 16 4.25 -1.06 -5.95
C LYS A 16 3.32 -0.06 -5.29
N TYR A 17 2.09 -0.50 -4.99
CA TYR A 17 1.09 0.36 -4.39
C TYR A 17 1.55 0.85 -3.02
N ALA A 18 2.08 -0.08 -2.22
CA ALA A 18 2.56 0.25 -0.88
C ALA A 18 3.65 1.32 -0.94
N GLU A 19 4.67 1.09 -1.77
CA GLU A 19 5.77 2.03 -1.91
C GLU A 19 5.27 3.37 -2.43
N GLU A 20 4.53 3.34 -3.53
CA GLU A 20 4.00 4.54 -4.16
C GLU A 20 3.27 5.42 -3.16
N LEU A 21 2.39 4.82 -2.38
CA LEU A 21 1.59 5.57 -1.43
C LEU A 21 2.44 6.04 -0.25
N SER A 22 3.39 5.19 0.17
CA SER A 22 4.26 5.52 1.31
C SER A 22 5.18 6.68 0.97
N ARG A 23 5.66 6.74 -0.27
CA ARG A 23 6.53 7.83 -0.71
C ARG A 23 5.71 9.06 -1.10
N ARG A 24 4.52 8.82 -1.64
CA ARG A 24 3.63 9.88 -2.09
C ARG A 24 3.18 10.75 -0.93
N THR A 25 2.72 10.10 0.14
CA THR A 25 2.24 10.79 1.32
C THR A 25 3.27 10.68 2.45
N GLY A 26 3.57 11.81 3.09
CA GLY A 26 4.51 11.83 4.19
C GLY A 26 3.94 11.19 5.45
N CYS A 27 3.82 9.87 5.42
CA CYS A 27 3.25 9.10 6.53
C CYS A 27 3.78 7.67 6.49
N GLU A 28 3.13 6.80 7.25
CA GLU A 28 3.43 5.38 7.25
C GLU A 28 2.22 4.66 6.68
N VAL A 29 2.43 3.85 5.67
CA VAL A 29 1.32 3.21 4.96
C VAL A 29 1.35 1.70 5.17
N GLU A 30 0.16 1.14 5.31
CA GLU A 30 0.01 -0.27 5.59
C GLU A 30 -1.09 -0.83 4.68
N VAL A 31 -0.70 -1.74 3.80
CA VAL A 31 -1.60 -2.27 2.79
C VAL A 31 -1.87 -3.74 3.04
N GLU A 32 -3.14 -4.11 2.99
CA GLU A 32 -3.58 -5.48 3.15
C GLU A 32 -4.16 -5.94 1.83
N CYS A 33 -3.51 -6.93 1.20
CA CYS A 33 -3.78 -7.24 -0.20
C CYS A 33 -4.44 -8.60 -0.37
N GLU A 34 -5.47 -8.64 -1.21
CA GLU A 34 -6.27 -9.84 -1.46
C GLU A 34 -6.43 -10.02 -2.98
N THR A 35 -7.14 -11.07 -3.37
CA THR A 35 -7.54 -11.26 -4.76
C THR A 35 -9.07 -11.23 -4.85
N CYS A 1 1.04 10.18 10.86
CA CYS A 1 0.18 9.81 9.72
C CYS A 1 0.44 8.36 9.31
N LYS A 2 -0.39 7.49 9.84
CA LYS A 2 -0.36 6.06 9.51
C LYS A 2 -1.78 5.60 9.15
N GLN A 3 -1.90 4.92 8.02
CA GLN A 3 -3.19 4.40 7.56
C GLN A 3 -3.01 2.99 7.02
N ARG A 4 -4.03 2.17 7.18
CA ARG A 4 -3.99 0.81 6.64
C ARG A 4 -5.03 0.65 5.54
N ARG A 5 -4.67 -0.08 4.49
CA ARG A 5 -5.52 -0.26 3.32
C ARG A 5 -5.57 -1.74 2.95
N ARG A 6 -6.53 -2.12 2.12
CA ARG A 6 -6.57 -3.46 1.55
C ARG A 6 -6.78 -3.37 0.05
N TYR A 7 -5.83 -3.87 -0.71
CA TYR A 7 -5.85 -3.77 -2.15
C TYR A 7 -5.90 -5.17 -2.75
N ARG A 8 -6.47 -5.30 -3.94
CA ARG A 8 -6.57 -6.60 -4.59
C ARG A 8 -6.07 -6.51 -6.03
N GLY A 9 -5.43 -7.59 -6.48
CA GLY A 9 -4.88 -7.63 -7.82
C GLY A 9 -3.70 -8.59 -7.89
N SER A 10 -2.64 -8.24 -7.16
CA SER A 10 -1.46 -9.10 -7.03
C SER A 10 -0.55 -8.53 -5.95
N GLU A 11 0.09 -9.42 -5.18
CA GLU A 11 0.95 -8.99 -4.07
C GLU A 11 1.94 -7.93 -4.51
N GLU A 12 2.43 -8.05 -5.75
CA GLU A 12 3.38 -7.09 -6.29
C GLU A 12 2.75 -5.70 -6.43
N GLU A 13 1.69 -5.58 -7.21
CA GLU A 13 1.08 -4.27 -7.44
C GLU A 13 0.55 -3.68 -6.13
N CYS A 14 0.22 -4.56 -5.19
CA CYS A 14 -0.21 -4.14 -3.86
C CYS A 14 0.94 -3.47 -3.10
N ARG A 15 2.09 -4.14 -3.01
CA ARG A 15 3.23 -3.58 -2.30
C ARG A 15 3.74 -2.33 -3.03
N LYS A 16 3.66 -2.34 -4.35
CA LYS A 16 4.02 -1.18 -5.15
C LYS A 16 3.16 0.01 -4.74
N TYR A 17 1.84 -0.18 -4.78
CA TYR A 17 0.88 0.83 -4.37
C TYR A 17 1.26 1.39 -3.00
N ALA A 18 1.55 0.47 -2.06
CA ALA A 18 1.91 0.85 -0.71
C ALA A 18 3.17 1.72 -0.66
N GLU A 19 4.29 1.18 -1.10
CA GLU A 19 5.58 1.87 -0.96
C GLU A 19 5.60 3.14 -1.80
N GLU A 20 4.96 3.11 -2.96
CA GLU A 20 4.91 4.29 -3.82
C GLU A 20 4.02 5.37 -3.21
N LEU A 21 2.97 4.93 -2.52
CA LEU A 21 2.10 5.84 -1.79
C LEU A 21 2.92 6.51 -0.67
N SER A 22 3.75 5.71 0.00
CA SER A 22 4.55 6.18 1.12
C SER A 22 5.66 7.13 0.66
N ARG A 23 6.22 6.89 -0.54
CA ARG A 23 7.25 7.78 -1.09
C ARG A 23 6.61 9.06 -1.61
N ARG A 24 5.38 8.93 -2.12
CA ARG A 24 4.61 10.08 -2.60
C ARG A 24 4.23 11.00 -1.44
N THR A 25 3.31 10.53 -0.62
CA THR A 25 2.79 11.31 0.49
C THR A 25 3.60 11.02 1.75
N GLY A 26 3.92 12.07 2.51
CA GLY A 26 4.68 11.91 3.74
C GLY A 26 3.87 11.21 4.82
N CYS A 27 3.68 9.90 4.67
CA CYS A 27 2.91 9.10 5.60
C CYS A 27 3.39 7.66 5.60
N GLU A 28 2.85 6.85 6.51
CA GLU A 28 3.12 5.44 6.56
C GLU A 28 1.82 4.69 6.24
N VAL A 29 1.83 3.97 5.12
CA VAL A 29 0.66 3.23 4.68
C VAL A 29 0.93 1.74 4.73
N GLU A 30 0.03 1.02 5.38
CA GLU A 30 0.16 -0.42 5.55
C GLU A 30 -0.96 -1.11 4.78
N VAL A 31 -0.60 -1.83 3.73
CA VAL A 31 -1.57 -2.40 2.82
C VAL A 31 -1.57 -3.92 2.90
N GLU A 32 -2.76 -4.49 2.79
CA GLU A 32 -2.94 -5.95 2.74
C GLU A 32 -3.45 -6.31 1.35
N CYS A 33 -2.96 -7.40 0.80
CA CYS A 33 -3.21 -7.72 -0.61
C CYS A 33 -4.06 -8.98 -0.77
N GLU A 34 -5.02 -8.90 -1.68
CA GLU A 34 -5.84 -10.04 -2.07
C GLU A 34 -5.78 -10.17 -3.59
N THR A 35 -6.48 -11.16 -4.14
CA THR A 35 -6.54 -11.33 -5.58
C THR A 35 -7.90 -10.85 -6.11
N CYS A 1 -2.29 9.82 10.11
CA CYS A 1 -1.21 9.58 9.12
C CYS A 1 -0.83 8.10 9.08
N LYS A 2 -1.67 7.25 9.67
CA LYS A 2 -1.50 5.79 9.55
C LYS A 2 -2.66 5.22 8.74
N GLN A 3 -2.32 4.61 7.60
CA GLN A 3 -3.32 4.05 6.70
C GLN A 3 -3.20 2.54 6.66
N ARG A 4 -4.31 1.88 6.89
CA ARG A 4 -4.38 0.42 6.82
C ARG A 4 -5.33 0.06 5.68
N ARG A 5 -4.77 -0.43 4.58
CA ARG A 5 -5.52 -0.53 3.34
C ARG A 5 -5.74 -1.98 2.93
N ARG A 6 -6.81 -2.19 2.17
CA ARG A 6 -7.14 -3.49 1.60
C ARG A 6 -7.14 -3.38 0.06
N TYR A 7 -6.16 -4.00 -0.56
CA TYR A 7 -5.97 -3.93 -2.01
C TYR A 7 -6.07 -5.34 -2.58
N ARG A 8 -6.66 -5.50 -3.76
CA ARG A 8 -6.82 -6.82 -4.35
C ARG A 8 -6.17 -6.91 -5.73
N GLY A 9 -5.55 -8.05 -6.00
CA GLY A 9 -4.86 -8.27 -7.27
C GLY A 9 -3.68 -9.20 -7.09
N SER A 10 -2.53 -8.62 -6.78
CA SER A 10 -1.31 -9.38 -6.52
C SER A 10 -0.41 -8.59 -5.58
N GLU A 11 0.37 -9.29 -4.76
CA GLU A 11 1.27 -8.64 -3.79
C GLU A 11 2.17 -7.64 -4.49
N GLU A 12 2.49 -7.92 -5.75
CA GLU A 12 3.24 -6.99 -6.60
C GLU A 12 2.54 -5.64 -6.64
N GLU A 13 1.32 -5.63 -7.16
CA GLU A 13 0.51 -4.42 -7.29
C GLU A 13 0.37 -3.71 -5.94
N CYS A 14 0.08 -4.51 -4.91
CA CYS A 14 -0.17 -3.99 -3.58
C CYS A 14 1.08 -3.32 -2.98
N ARG A 15 2.23 -3.96 -3.14
CA ARG A 15 3.48 -3.43 -2.61
C ARG A 15 3.99 -2.26 -3.45
N LYS A 16 3.62 -2.24 -4.74
CA LYS A 16 3.91 -1.11 -5.61
C LYS A 16 3.12 0.11 -5.14
N TYR A 17 1.83 -0.11 -4.87
CA TYR A 17 0.96 0.94 -4.36
C TYR A 17 1.53 1.50 -3.06
N ALA A 18 1.89 0.59 -2.14
CA ALA A 18 2.48 0.97 -0.86
C ALA A 18 3.78 1.75 -1.05
N GLU A 19 4.64 1.25 -1.94
CA GLU A 19 5.92 1.89 -2.26
C GLU A 19 5.71 3.34 -2.71
N GLU A 20 4.96 3.49 -3.81
CA GLU A 20 4.71 4.80 -4.39
C GLU A 20 4.07 5.74 -3.39
N LEU A 21 3.10 5.25 -2.63
CA LEU A 21 2.37 6.06 -1.66
C LEU A 21 3.33 6.56 -0.57
N SER A 22 4.09 5.64 0.01
CA SER A 22 4.99 5.95 1.11
C SER A 22 6.09 6.92 0.69
N ARG A 23 6.61 6.75 -0.53
CA ARG A 23 7.67 7.62 -1.02
C ARG A 23 7.10 8.93 -1.58
N ARG A 24 5.82 8.92 -1.94
CA ARG A 24 5.16 10.13 -2.44
C ARG A 24 4.90 11.10 -1.30
N THR A 25 4.25 10.61 -0.25
CA THR A 25 3.93 11.43 0.90
C THR A 25 4.62 10.91 2.15
N GLY A 26 5.20 11.81 2.94
CA GLY A 26 5.86 11.42 4.18
C GLY A 26 4.87 10.99 5.25
N CYS A 27 4.24 9.85 5.02
CA CYS A 27 3.21 9.32 5.91
C CYS A 27 3.42 7.82 6.11
N GLU A 28 2.59 7.20 6.95
CA GLU A 28 2.74 5.77 7.24
C GLU A 28 1.54 5.01 6.69
N VAL A 29 1.80 4.09 5.77
CA VAL A 29 0.76 3.30 5.15
C VAL A 29 1.14 1.83 5.07
N GLU A 30 0.28 0.97 5.59
CA GLU A 30 0.42 -0.47 5.46
C GLU A 30 -0.72 -0.99 4.59
N VAL A 31 -0.39 -1.83 3.62
CA VAL A 31 -1.37 -2.34 2.68
C VAL A 31 -1.43 -3.86 2.76
N GLU A 32 -2.64 -4.40 2.73
CA GLU A 32 -2.85 -5.85 2.74
C GLU A 32 -3.45 -6.27 1.41
N CYS A 33 -2.99 -7.40 0.90
CA CYS A 33 -3.28 -7.79 -0.48
C CYS A 33 -4.17 -9.03 -0.52
N GLU A 34 -5.30 -8.90 -1.20
CA GLU A 34 -6.28 -9.98 -1.32
C GLU A 34 -6.35 -10.43 -2.77
N THR A 35 -6.86 -11.63 -2.99
CA THR A 35 -7.02 -12.18 -4.33
C THR A 35 -7.91 -13.42 -4.28
N CYS A 1 -1.66 9.83 9.95
CA CYS A 1 -0.51 9.39 9.15
C CYS A 1 -0.07 7.97 9.52
N LYS A 2 -0.95 7.24 10.20
CA LYS A 2 -0.77 5.81 10.42
C LYS A 2 -2.06 5.12 10.01
N GLN A 3 -2.17 4.78 8.73
CA GLN A 3 -3.42 4.27 8.17
C GLN A 3 -3.14 3.16 7.16
N ARG A 4 -4.09 2.24 6.98
CA ARG A 4 -3.89 1.10 6.09
C ARG A 4 -5.01 1.01 5.05
N ARG A 5 -4.77 0.20 4.02
CA ARG A 5 -5.73 -0.07 2.95
C ARG A 5 -5.70 -1.54 2.58
N ARG A 6 -6.78 -2.04 1.99
CA ARG A 6 -6.85 -3.43 1.53
C ARG A 6 -7.00 -3.46 0.01
N TYR A 7 -6.03 -4.04 -0.67
CA TYR A 7 -6.05 -4.14 -2.13
C TYR A 7 -6.17 -5.60 -2.54
N ARG A 8 -6.88 -5.85 -3.63
CA ARG A 8 -7.09 -7.20 -4.13
C ARG A 8 -6.53 -7.33 -5.55
N GLY A 9 -5.73 -8.36 -5.76
CA GLY A 9 -5.09 -8.57 -7.06
C GLY A 9 -3.82 -9.37 -6.92
N SER A 10 -2.70 -8.78 -7.31
CA SER A 10 -1.38 -9.43 -7.22
C SER A 10 -0.51 -8.73 -6.17
N GLU A 11 0.32 -9.54 -5.50
CA GLU A 11 1.28 -9.03 -4.52
C GLU A 11 2.12 -7.91 -5.12
N GLU A 12 2.43 -8.05 -6.41
CA GLU A 12 3.17 -7.07 -7.16
C GLU A 12 2.49 -5.70 -7.05
N GLU A 13 1.22 -5.66 -7.44
CA GLU A 13 0.44 -4.42 -7.43
C GLU A 13 0.37 -3.86 -6.01
N CYS A 14 0.06 -4.74 -5.06
CA CYS A 14 -0.09 -4.35 -3.67
C CYS A 14 1.20 -3.72 -3.12
N ARG A 15 2.33 -4.39 -3.33
CA ARG A 15 3.62 -3.92 -2.81
C ARG A 15 4.02 -2.60 -3.45
N LYS A 16 4.04 -2.58 -4.78
CA LYS A 16 4.47 -1.39 -5.52
C LYS A 16 3.59 -0.19 -5.19
N TYR A 17 2.28 -0.42 -5.10
CA TYR A 17 1.34 0.64 -4.76
C TYR A 17 1.62 1.15 -3.34
N ALA A 18 1.86 0.21 -2.42
CA ALA A 18 2.16 0.55 -1.04
C ALA A 18 3.38 1.46 -0.94
N GLU A 19 4.49 1.03 -1.52
CA GLU A 19 5.74 1.78 -1.42
C GLU A 19 5.63 3.14 -2.12
N GLU A 20 5.03 3.16 -3.31
CA GLU A 20 4.86 4.40 -4.07
C GLU A 20 4.09 5.42 -3.23
N LEU A 21 2.93 5.00 -2.74
CA LEU A 21 2.06 5.88 -1.96
C LEU A 21 2.76 6.32 -0.67
N SER A 22 3.50 5.39 -0.06
CA SER A 22 4.17 5.65 1.21
C SER A 22 5.34 6.63 1.02
N ARG A 23 6.03 6.54 -0.12
CA ARG A 23 7.16 7.44 -0.39
C ARG A 23 6.65 8.79 -0.92
N ARG A 24 5.47 8.77 -1.53
CA ARG A 24 4.83 9.97 -2.05
C ARG A 24 4.37 10.86 -0.91
N THR A 25 3.59 10.27 0.00
CA THR A 25 3.11 10.96 1.18
C THR A 25 4.05 10.70 2.35
N GLY A 26 4.61 11.77 2.93
CA GLY A 26 5.55 11.63 4.02
C GLY A 26 4.89 11.20 5.32
N CYS A 27 4.37 9.98 5.33
CA CYS A 27 3.66 9.43 6.48
C CYS A 27 3.68 7.91 6.40
N GLU A 28 2.87 7.25 7.24
CA GLU A 28 2.85 5.79 7.28
C GLU A 28 1.51 5.26 6.79
N VAL A 29 1.51 4.82 5.54
CA VAL A 29 0.35 4.19 4.93
C VAL A 29 0.73 2.77 4.48
N GLU A 30 0.00 1.78 4.97
CA GLU A 30 0.27 0.39 4.66
C GLU A 30 -0.87 -0.20 3.85
N VAL A 31 -0.55 -1.15 2.98
CA VAL A 31 -1.55 -1.82 2.18
C VAL A 31 -1.44 -3.33 2.39
N GLU A 32 -2.57 -4.00 2.43
CA GLU A 32 -2.62 -5.45 2.60
C GLU A 32 -3.17 -6.06 1.31
N CYS A 33 -2.70 -7.26 0.98
CA CYS A 33 -2.97 -7.84 -0.33
C CYS A 33 -3.87 -9.07 -0.24
N GLU A 34 -4.96 -9.06 -1.00
CA GLU A 34 -5.88 -10.20 -1.11
C GLU A 34 -5.84 -10.75 -2.53
N THR A 35 -6.33 -11.96 -2.71
CA THR A 35 -6.42 -12.58 -4.03
C THR A 35 -7.87 -12.56 -4.54
N CYS A 1 1.17 10.29 10.86
CA CYS A 1 0.18 9.83 9.87
C CYS A 1 0.39 8.35 9.55
N LYS A 2 -0.47 7.51 10.14
CA LYS A 2 -0.47 6.07 9.90
C LYS A 2 -1.81 5.64 9.35
N GLN A 3 -1.80 5.04 8.17
CA GLN A 3 -3.01 4.54 7.53
C GLN A 3 -2.82 3.07 7.17
N ARG A 4 -3.90 2.31 7.22
CA ARG A 4 -3.87 0.92 6.79
C ARG A 4 -5.06 0.64 5.90
N ARG A 5 -4.81 0.02 4.75
CA ARG A 5 -5.83 -0.13 3.70
C ARG A 5 -5.95 -1.58 3.23
N ARG A 6 -6.91 -1.80 2.35
CA ARG A 6 -7.22 -3.13 1.82
C ARG A 6 -7.38 -3.05 0.31
N TYR A 7 -6.59 -3.82 -0.40
CA TYR A 7 -6.53 -3.77 -1.86
C TYR A 7 -6.50 -5.17 -2.42
N ARG A 8 -7.15 -5.40 -3.56
CA ARG A 8 -7.14 -6.71 -4.20
C ARG A 8 -6.39 -6.67 -5.53
N GLY A 9 -5.39 -7.53 -5.64
CA GLY A 9 -4.53 -7.58 -6.81
C GLY A 9 -3.27 -8.36 -6.51
N SER A 10 -2.38 -8.47 -7.48
CA SER A 10 -1.14 -9.21 -7.31
C SER A 10 -0.23 -8.56 -6.26
N GLU A 11 0.53 -9.40 -5.56
CA GLU A 11 1.38 -8.95 -4.46
C GLU A 11 2.34 -7.85 -4.89
N GLU A 12 3.05 -8.08 -6.01
CA GLU A 12 4.04 -7.12 -6.47
C GLU A 12 3.44 -5.72 -6.64
N GLU A 13 2.42 -5.62 -7.49
CA GLU A 13 1.79 -4.33 -7.77
C GLU A 13 1.23 -3.72 -6.47
N CYS A 14 0.70 -4.57 -5.60
CA CYS A 14 0.18 -4.10 -4.31
C CYS A 14 1.31 -3.53 -3.44
N ARG A 15 2.45 -4.22 -3.42
CA ARG A 15 3.62 -3.76 -2.69
C ARG A 15 4.15 -2.45 -3.27
N LYS A 16 4.29 -2.42 -4.59
CA LYS A 16 4.75 -1.22 -5.28
C LYS A 16 3.74 -0.09 -5.10
N TYR A 17 2.47 -0.46 -4.91
CA TYR A 17 1.43 0.51 -4.57
C TYR A 17 1.74 1.14 -3.23
N ALA A 18 2.00 0.29 -2.22
CA ALA A 18 2.38 0.76 -0.89
C ALA A 18 3.64 1.62 -0.95
N GLU A 19 4.60 1.16 -1.75
CA GLU A 19 5.87 1.87 -1.92
C GLU A 19 5.63 3.29 -2.43
N GLU A 20 5.02 3.38 -3.62
CA GLU A 20 4.74 4.61 -4.25
C GLU A 20 3.86 5.50 -3.36
N LEU A 21 2.89 4.87 -2.71
CA LEU A 21 1.96 5.58 -1.84
C LEU A 21 2.68 6.24 -0.67
N SER A 22 3.50 5.46 0.04
CA SER A 22 4.19 5.94 1.23
C SER A 22 5.28 6.96 0.88
N ARG A 23 5.92 6.79 -0.28
CA ARG A 23 7.00 7.69 -0.69
C ARG A 23 6.43 8.99 -1.27
N ARG A 24 5.26 8.90 -1.91
CA ARG A 24 4.64 10.06 -2.52
C ARG A 24 3.98 10.93 -1.47
N THR A 25 3.08 10.33 -0.69
CA THR A 25 2.40 11.04 0.38
C THR A 25 3.17 10.88 1.68
N GLY A 26 3.41 12.01 2.37
CA GLY A 26 4.13 11.98 3.63
C GLY A 26 3.35 11.26 4.73
N CYS A 27 3.30 9.94 4.63
CA CYS A 27 2.60 9.12 5.60
C CYS A 27 3.19 7.71 5.61
N GLU A 28 2.76 6.92 6.58
CA GLU A 28 3.13 5.51 6.66
C GLU A 28 1.88 4.67 6.42
N VAL A 29 1.93 3.76 5.47
CA VAL A 29 0.76 2.99 5.09
C VAL A 29 1.03 1.49 5.13
N GLU A 30 0.08 0.77 5.72
CA GLU A 30 0.07 -0.68 5.69
C GLU A 30 -1.13 -1.14 4.86
N VAL A 31 -0.88 -1.66 3.68
CA VAL A 31 -1.96 -2.09 2.81
C VAL A 31 -1.90 -3.61 2.65
N GLU A 32 -3.07 -4.24 2.72
CA GLU A 32 -3.15 -5.69 2.73
C GLU A 32 -3.80 -6.15 1.44
N CYS A 33 -3.24 -7.19 0.84
CA CYS A 33 -3.53 -7.54 -0.55
C CYS A 33 -4.27 -8.87 -0.66
N GLU A 34 -5.46 -8.83 -1.25
CA GLU A 34 -6.27 -10.02 -1.48
C GLU A 34 -6.39 -10.27 -2.98
N THR A 35 -6.99 -11.38 -3.35
CA THR A 35 -7.14 -11.75 -4.76
C THR A 35 -8.55 -12.30 -5.03
N CYS A 1 0.59 10.57 11.09
CA CYS A 1 -0.59 9.94 10.45
C CYS A 1 -0.23 8.53 9.95
N LYS A 2 -0.95 7.52 10.46
CA LYS A 2 -0.73 6.13 10.07
C LYS A 2 -2.02 5.53 9.54
N GLN A 3 -1.90 4.63 8.57
CA GLN A 3 -3.06 3.98 7.97
C GLN A 3 -2.67 2.68 7.28
N ARG A 4 -3.59 1.74 7.24
CA ARG A 4 -3.43 0.52 6.47
C ARG A 4 -4.57 0.38 5.48
N ARG A 5 -4.23 0.17 4.22
CA ARG A 5 -5.21 -0.01 3.17
C ARG A 5 -5.11 -1.43 2.64
N ARG A 6 -6.00 -1.81 1.74
CA ARG A 6 -5.93 -3.12 1.13
C ARG A 6 -6.36 -3.07 -0.33
N TYR A 7 -5.53 -3.66 -1.18
CA TYR A 7 -5.73 -3.68 -2.61
C TYR A 7 -5.98 -5.12 -3.04
N ARG A 8 -6.68 -5.33 -4.16
CA ARG A 8 -6.94 -6.69 -4.63
C ARG A 8 -6.22 -6.95 -5.93
N GLY A 9 -5.38 -7.99 -5.93
CA GLY A 9 -4.60 -8.32 -7.11
C GLY A 9 -3.35 -9.10 -6.74
N SER A 10 -2.33 -9.04 -7.58
CA SER A 10 -1.07 -9.71 -7.31
C SER A 10 -0.35 -9.00 -6.16
N GLU A 11 0.24 -9.78 -5.25
CA GLU A 11 0.95 -9.25 -4.08
C GLU A 11 1.95 -8.17 -4.49
N GLU A 12 2.56 -8.38 -5.66
CA GLU A 12 3.52 -7.42 -6.22
C GLU A 12 2.85 -6.07 -6.46
N GLU A 13 1.69 -6.11 -7.12
CA GLU A 13 0.93 -4.89 -7.43
C GLU A 13 0.53 -4.19 -6.14
N CYS A 14 0.08 -4.97 -5.17
CA CYS A 14 -0.32 -4.45 -3.87
C CYS A 14 0.84 -3.70 -3.22
N ARG A 15 2.02 -4.31 -3.24
CA ARG A 15 3.21 -3.71 -2.64
C ARG A 15 3.76 -2.57 -3.49
N LYS A 16 3.51 -2.61 -4.80
CA LYS A 16 3.86 -1.49 -5.67
C LYS A 16 3.11 -0.24 -5.20
N TYR A 17 1.79 -0.40 -5.07
CA TYR A 17 0.94 0.67 -4.57
C TYR A 17 1.39 1.11 -3.17
N ALA A 18 1.71 0.14 -2.33
CA ALA A 18 2.21 0.42 -0.98
C ALA A 18 3.44 1.33 -1.01
N GLU A 19 4.46 0.90 -1.76
CA GLU A 19 5.71 1.64 -1.87
C GLU A 19 5.46 3.06 -2.36
N GLU A 20 4.79 3.17 -3.50
CA GLU A 20 4.53 4.45 -4.15
C GLU A 20 3.82 5.41 -3.20
N LEU A 21 2.70 4.96 -2.65
CA LEU A 21 1.88 5.78 -1.77
C LEU A 21 2.66 6.19 -0.51
N SER A 22 3.37 5.22 0.07
CA SER A 22 4.12 5.46 1.31
C SER A 22 5.22 6.50 1.11
N ARG A 23 5.90 6.45 -0.04
CA ARG A 23 6.99 7.39 -0.31
C ARG A 23 6.44 8.72 -0.82
N ARG A 24 5.26 8.70 -1.42
CA ARG A 24 4.65 9.92 -1.95
C ARG A 24 4.12 10.81 -0.82
N THR A 25 3.44 10.18 0.14
CA THR A 25 2.80 10.92 1.23
C THR A 25 3.80 11.23 2.35
N GLY A 26 3.40 12.11 3.27
CA GLY A 26 4.20 12.40 4.45
C GLY A 26 3.73 11.60 5.64
N CYS A 27 2.93 10.58 5.37
CA CYS A 27 2.34 9.73 6.41
C CYS A 27 2.97 8.34 6.36
N GLU A 28 2.51 7.47 7.26
CA GLU A 28 2.93 6.09 7.30
C GLU A 28 1.74 5.20 6.95
N VAL A 29 1.68 4.76 5.71
CA VAL A 29 0.58 3.96 5.22
C VAL A 29 1.09 2.67 4.59
N GLU A 30 0.55 1.55 5.03
CA GLU A 30 0.91 0.25 4.46
C GLU A 30 -0.32 -0.37 3.81
N VAL A 31 -0.11 -1.33 2.92
CA VAL A 31 -1.21 -1.95 2.19
C VAL A 31 -1.21 -3.47 2.41
N GLU A 32 -2.40 -4.05 2.34
CA GLU A 32 -2.58 -5.49 2.43
C GLU A 32 -3.07 -5.99 1.08
N CYS A 33 -2.82 -7.26 0.76
CA CYS A 33 -3.10 -7.76 -0.58
C CYS A 33 -4.19 -8.84 -0.52
N GLU A 34 -5.33 -8.52 -1.12
CA GLU A 34 -6.49 -9.39 -1.15
C GLU A 34 -6.77 -9.87 -2.58
N THR A 35 -7.80 -10.68 -2.72
CA THR A 35 -8.31 -11.11 -4.01
C THR A 35 -9.76 -11.59 -3.85
N CYS A 1 0.69 10.61 11.69
CA CYS A 1 -0.11 10.23 10.51
C CYS A 1 0.22 8.79 10.08
N LYS A 2 -0.75 7.89 10.23
CA LYS A 2 -0.59 6.50 9.82
C LYS A 2 -1.89 6.00 9.18
N GLN A 3 -1.78 5.24 8.10
CA GLN A 3 -2.95 4.76 7.36
C GLN A 3 -2.87 3.26 7.14
N ARG A 4 -4.01 2.61 6.97
CA ARG A 4 -4.06 1.21 6.56
C ARG A 4 -5.12 1.02 5.47
N ARG A 5 -4.69 0.55 4.31
CA ARG A 5 -5.59 0.35 3.17
C ARG A 5 -5.55 -1.12 2.75
N ARG A 6 -6.39 -1.48 1.80
CA ARG A 6 -6.41 -2.84 1.25
C ARG A 6 -6.53 -2.81 -0.27
N TYR A 7 -6.04 -3.86 -0.92
CA TYR A 7 -5.88 -3.90 -2.37
C TYR A 7 -6.25 -5.27 -2.92
N ARG A 8 -6.50 -5.33 -4.22
CA ARG A 8 -6.90 -6.55 -4.92
C ARG A 8 -6.16 -6.65 -6.24
N GLY A 9 -5.45 -7.76 -6.45
CA GLY A 9 -4.69 -7.96 -7.67
C GLY A 9 -3.62 -9.02 -7.54
N SER A 10 -2.55 -8.70 -6.82
CA SER A 10 -1.43 -9.61 -6.60
C SER A 10 -0.37 -8.94 -5.75
N GLU A 11 0.49 -9.74 -5.11
CA GLU A 11 1.46 -9.22 -4.15
C GLU A 11 2.32 -8.10 -4.76
N GLU A 12 2.75 -8.29 -6.01
CA GLU A 12 3.65 -7.34 -6.66
C GLU A 12 3.01 -5.96 -6.78
N GLU A 13 1.87 -5.88 -7.46
CA GLU A 13 1.18 -4.61 -7.65
C GLU A 13 0.73 -4.04 -6.30
N CYS A 14 0.50 -4.92 -5.33
CA CYS A 14 0.24 -4.49 -3.95
C CYS A 14 1.48 -3.83 -3.36
N ARG A 15 2.64 -4.43 -3.65
CA ARG A 15 3.94 -3.91 -3.20
C ARG A 15 4.20 -2.56 -3.85
N LYS A 16 3.88 -2.45 -5.14
CA LYS A 16 4.05 -1.21 -5.87
C LYS A 16 3.07 -0.15 -5.37
N TYR A 17 1.85 -0.59 -5.05
CA TYR A 17 0.84 0.28 -4.48
C TYR A 17 1.35 0.85 -3.16
N ALA A 18 1.89 -0.03 -2.32
CA ALA A 18 2.48 0.37 -1.05
C ALA A 18 3.68 1.29 -1.27
N GLU A 19 4.48 0.95 -2.29
CA GLU A 19 5.65 1.73 -2.66
C GLU A 19 5.26 3.17 -2.97
N GLU A 20 4.40 3.32 -3.98
CA GLU A 20 3.94 4.63 -4.43
C GLU A 20 3.28 5.40 -3.28
N LEU A 21 2.35 4.76 -2.61
CA LEU A 21 1.59 5.37 -1.52
C LEU A 21 2.53 5.87 -0.42
N SER A 22 3.47 5.00 -0.02
CA SER A 22 4.42 5.32 1.04
C SER A 22 5.34 6.48 0.64
N ARG A 23 5.89 6.39 -0.56
CA ARG A 23 6.84 7.40 -1.05
C ARG A 23 6.11 8.70 -1.39
N ARG A 24 4.80 8.60 -1.63
CA ARG A 24 3.98 9.76 -1.97
C ARG A 24 3.64 10.57 -0.73
N THR A 25 3.20 9.87 0.31
CA THR A 25 2.76 10.53 1.54
C THR A 25 3.92 10.76 2.51
N GLY A 26 3.71 11.66 3.47
CA GLY A 26 4.68 11.88 4.53
C GLY A 26 4.24 11.21 5.81
N CYS A 27 3.57 10.07 5.64
CA CYS A 27 2.97 9.36 6.76
C CYS A 27 3.56 7.95 6.88
N GLU A 28 2.91 7.13 7.69
CA GLU A 28 3.24 5.72 7.81
C GLU A 28 2.07 4.91 7.27
N VAL A 29 2.33 4.10 6.25
CA VAL A 29 1.26 3.40 5.55
C VAL A 29 1.35 1.89 5.75
N GLU A 30 0.20 1.29 5.95
CA GLU A 30 0.04 -0.15 6.03
C GLU A 30 -0.95 -0.57 4.96
N VAL A 31 -0.78 -1.75 4.39
CA VAL A 31 -1.65 -2.20 3.32
C VAL A 31 -1.90 -3.69 3.38
N GLU A 32 -3.11 -4.08 2.98
CA GLU A 32 -3.53 -5.47 2.97
C GLU A 32 -3.75 -5.89 1.52
N CYS A 33 -3.19 -7.02 1.12
CA CYS A 33 -3.22 -7.42 -0.29
C CYS A 33 -4.05 -8.67 -0.52
N GLU A 34 -4.86 -8.63 -1.56
CA GLU A 34 -5.54 -9.80 -2.09
C GLU A 34 -4.98 -10.07 -3.47
N THR A 35 -4.97 -11.33 -3.86
CA THR A 35 -4.45 -11.72 -5.16
C THR A 35 -5.62 -11.91 -6.13
N CYS A 1 -0.76 10.01 11.64
CA CYS A 1 -0.72 9.77 10.19
C CYS A 1 -0.38 8.31 9.89
N LYS A 2 -0.98 7.41 10.66
CA LYS A 2 -0.93 5.98 10.37
C LYS A 2 -2.24 5.57 9.68
N GLN A 3 -2.13 5.10 8.45
CA GLN A 3 -3.30 4.70 7.67
C GLN A 3 -3.28 3.20 7.42
N ARG A 4 -4.45 2.64 7.12
CA ARG A 4 -4.55 1.24 6.68
C ARG A 4 -5.47 1.17 5.47
N ARG A 5 -4.95 0.68 4.36
CA ARG A 5 -5.71 0.57 3.11
C ARG A 5 -5.76 -0.89 2.65
N ARG A 6 -6.81 -1.24 1.93
CA ARG A 6 -6.96 -2.59 1.39
C ARG A 6 -6.88 -2.55 -0.12
N TYR A 7 -6.14 -3.50 -0.68
CA TYR A 7 -5.87 -3.55 -2.11
C TYR A 7 -6.09 -4.97 -2.61
N ARG A 8 -6.55 -5.10 -3.85
CA ARG A 8 -6.79 -6.42 -4.43
C ARG A 8 -5.83 -6.66 -5.58
N GLY A 9 -5.01 -7.71 -5.46
CA GLY A 9 -4.00 -7.98 -6.46
C GLY A 9 -2.89 -8.87 -5.92
N SER A 10 -1.86 -9.09 -6.73
CA SER A 10 -0.76 -9.99 -6.38
C SER A 10 0.38 -9.25 -5.67
N GLU A 11 1.37 -10.03 -5.24
CA GLU A 11 2.53 -9.54 -4.49
C GLU A 11 3.14 -8.28 -5.12
N GLU A 12 3.42 -8.31 -6.42
CA GLU A 12 4.08 -7.19 -7.09
C GLU A 12 3.16 -5.98 -7.12
N GLU A 13 1.87 -6.22 -7.32
CA GLU A 13 0.87 -5.14 -7.31
C GLU A 13 0.88 -4.46 -5.94
N CYS A 14 0.96 -5.27 -4.90
CA CYS A 14 1.05 -4.77 -3.53
C CYS A 14 2.32 -3.94 -3.34
N ARG A 15 3.43 -4.45 -3.87
CA ARG A 15 4.72 -3.76 -3.78
C ARG A 15 4.66 -2.41 -4.50
N LYS A 16 4.06 -2.40 -5.70
CA LYS A 16 3.92 -1.18 -6.48
C LYS A 16 3.11 -0.14 -5.70
N TYR A 17 1.88 -0.48 -5.35
CA TYR A 17 0.98 0.44 -4.65
C TYR A 17 1.62 0.95 -3.36
N ALA A 18 2.23 0.05 -2.61
CA ALA A 18 2.85 0.41 -1.34
C ALA A 18 4.00 1.40 -1.54
N GLU A 19 4.85 1.12 -2.53
CA GLU A 19 6.02 1.97 -2.80
C GLU A 19 5.57 3.36 -3.24
N GLU A 20 4.59 3.41 -4.14
CA GLU A 20 4.04 4.68 -4.61
C GLU A 20 3.44 5.44 -3.42
N LEU A 21 2.62 4.75 -2.65
CA LEU A 21 1.96 5.32 -1.49
C LEU A 21 2.99 5.85 -0.49
N SER A 22 4.14 5.16 -0.40
CA SER A 22 5.21 5.56 0.50
C SER A 22 5.86 6.87 0.02
N ARG A 23 6.17 6.95 -1.28
CA ARG A 23 6.77 8.16 -1.84
C ARG A 23 5.73 9.28 -1.95
N ARG A 24 4.46 8.88 -1.92
CA ARG A 24 3.35 9.82 -2.07
C ARG A 24 3.05 10.55 -0.77
N THR A 25 2.82 9.78 0.29
CA THR A 25 2.42 10.32 1.58
C THR A 25 3.53 10.08 2.61
N GLY A 26 4.15 11.17 3.06
CA GLY A 26 5.20 11.08 4.07
C GLY A 26 4.63 10.76 5.45
N CYS A 27 4.16 9.54 5.60
CA CYS A 27 3.53 9.08 6.84
C CYS A 27 3.75 7.58 7.02
N GLU A 28 2.96 6.96 7.88
CA GLU A 28 3.02 5.51 8.06
C GLU A 28 1.73 4.89 7.57
N VAL A 29 1.83 3.75 6.89
CA VAL A 29 0.66 3.13 6.30
C VAL A 29 0.81 1.62 6.21
N GLU A 30 -0.31 0.94 6.42
CA GLU A 30 -0.40 -0.50 6.29
C GLU A 30 -1.30 -0.83 5.11
N VAL A 31 -0.88 -1.76 4.27
CA VAL A 31 -1.63 -2.11 3.07
C VAL A 31 -1.95 -3.60 3.09
N GLU A 32 -3.17 -3.92 2.67
CA GLU A 32 -3.67 -5.29 2.74
C GLU A 32 -3.85 -5.84 1.33
N CYS A 33 -3.56 -7.12 1.14
CA CYS A 33 -3.61 -7.74 -0.18
C CYS A 33 -4.70 -8.80 -0.24
N GLU A 34 -5.68 -8.58 -1.11
CA GLU A 34 -6.78 -9.52 -1.27
C GLU A 34 -6.76 -10.13 -2.67
N THR A 35 -7.18 -11.39 -2.75
CA THR A 35 -7.25 -12.12 -4.00
C THR A 35 -8.30 -13.24 -3.86
N CYS A 1 0.11 9.78 10.84
CA CYS A 1 -0.01 9.36 9.42
C CYS A 1 -0.20 7.84 9.31
N LYS A 2 -0.81 7.25 10.33
CA LYS A 2 -1.03 5.81 10.35
C LYS A 2 -2.26 5.47 9.51
N GLN A 3 -2.04 4.82 8.38
CA GLN A 3 -3.11 4.49 7.45
C GLN A 3 -3.03 3.03 7.03
N ARG A 4 -4.18 2.45 6.74
CA ARG A 4 -4.28 1.09 6.24
C ARG A 4 -5.16 1.05 5.00
N ARG A 5 -4.70 0.35 3.99
CA ARG A 5 -5.45 0.20 2.74
C ARG A 5 -5.52 -1.27 2.37
N ARG A 6 -6.68 -1.69 1.88
CA ARG A 6 -6.86 -3.06 1.43
C ARG A 6 -7.08 -3.09 -0.08
N TYR A 7 -6.37 -3.99 -0.75
CA TYR A 7 -6.32 -3.99 -2.21
C TYR A 7 -6.60 -5.40 -2.72
N ARG A 8 -6.89 -5.52 -4.03
CA ARG A 8 -7.07 -6.82 -4.67
C ARG A 8 -6.07 -6.97 -5.81
N GLY A 9 -5.14 -7.91 -5.66
CA GLY A 9 -4.12 -8.12 -6.67
C GLY A 9 -2.92 -8.88 -6.12
N SER A 10 -1.89 -8.98 -6.95
CA SER A 10 -0.69 -9.72 -6.60
C SER A 10 0.26 -8.86 -5.74
N GLU A 11 1.29 -9.50 -5.16
CA GLU A 11 2.25 -8.81 -4.30
C GLU A 11 2.93 -7.66 -5.05
N GLU A 12 2.99 -7.75 -6.38
CA GLU A 12 3.46 -6.67 -7.19
C GLU A 12 2.62 -5.43 -6.92
N GLU A 13 1.31 -5.58 -7.04
CA GLU A 13 0.36 -4.50 -6.79
C GLU A 13 0.49 -4.01 -5.36
N CYS A 14 0.53 -4.95 -4.43
CA CYS A 14 0.61 -4.65 -2.99
C CYS A 14 1.82 -3.76 -2.69
N ARG A 15 3.00 -4.26 -3.00
CA ARG A 15 4.26 -3.60 -2.64
C ARG A 15 4.46 -2.32 -3.43
N LYS A 16 4.07 -2.32 -4.70
CA LYS A 16 4.19 -1.12 -5.54
C LYS A 16 3.23 -0.03 -5.06
N TYR A 17 2.02 -0.42 -4.70
CA TYR A 17 1.04 0.53 -4.15
C TYR A 17 1.59 1.17 -2.88
N ALA A 18 2.09 0.33 -1.97
CA ALA A 18 2.68 0.81 -0.72
C ALA A 18 3.88 1.73 -1.01
N GLU A 19 4.74 1.29 -1.91
CA GLU A 19 5.96 2.03 -2.27
C GLU A 19 5.62 3.41 -2.82
N GLU A 20 4.78 3.43 -3.85
CA GLU A 20 4.42 4.67 -4.54
C GLU A 20 3.69 5.61 -3.60
N LEU A 21 2.79 5.07 -2.79
CA LEU A 21 2.04 5.85 -1.81
C LEU A 21 3.00 6.49 -0.80
N SER A 22 3.90 5.67 -0.26
CA SER A 22 4.83 6.11 0.78
C SER A 22 5.80 7.17 0.25
N ARG A 23 6.23 7.02 -1.01
CA ARG A 23 7.18 7.98 -1.59
C ARG A 23 6.46 9.24 -2.05
N ARG A 24 5.16 9.12 -2.36
CA ARG A 24 4.36 10.28 -2.71
C ARG A 24 4.04 11.11 -1.46
N THR A 25 3.49 10.44 -0.46
CA THR A 25 3.06 11.10 0.78
C THR A 25 3.81 10.49 1.98
N GLY A 26 4.46 11.36 2.75
CA GLY A 26 5.25 10.91 3.89
C GLY A 26 4.40 10.49 5.07
N CYS A 27 3.86 9.28 5.00
CA CYS A 27 3.06 8.71 6.08
C CYS A 27 3.44 7.26 6.29
N GLU A 28 2.81 6.61 7.28
CA GLU A 28 3.09 5.21 7.57
C GLU A 28 1.85 4.39 7.25
N VAL A 29 1.88 3.75 6.08
CA VAL A 29 0.74 3.04 5.55
C VAL A 29 1.02 1.54 5.49
N GLU A 30 0.01 0.76 5.83
CA GLU A 30 0.07 -0.69 5.71
C GLU A 30 -0.94 -1.13 4.66
N VAL A 31 -0.52 -2.04 3.78
CA VAL A 31 -1.36 -2.49 2.67
C VAL A 31 -1.62 -3.99 2.78
N GLU A 32 -2.89 -4.33 2.89
CA GLU A 32 -3.32 -5.72 2.97
C GLU A 32 -4.12 -6.07 1.72
N CYS A 33 -3.58 -6.97 0.91
CA CYS A 33 -4.18 -7.29 -0.38
C CYS A 33 -4.70 -8.71 -0.43
N GLU A 34 -5.83 -8.88 -1.11
CA GLU A 34 -6.47 -10.18 -1.30
C GLU A 34 -6.40 -10.54 -2.78
N THR A 35 -6.88 -11.73 -3.13
CA THR A 35 -6.88 -12.17 -4.52
C THR A 35 -8.22 -11.80 -5.20
N CYS A 1 1.66 10.35 10.87
CA CYS A 1 0.73 10.12 9.75
C CYS A 1 0.83 8.67 9.27
N LYS A 2 -0.14 7.87 9.66
CA LYS A 2 -0.20 6.46 9.29
C LYS A 2 -1.64 6.04 9.00
N GLN A 3 -1.80 5.14 8.05
CA GLN A 3 -3.11 4.59 7.72
C GLN A 3 -2.96 3.18 7.13
N ARG A 4 -4.06 2.44 7.06
CA ARG A 4 -4.05 1.14 6.39
C ARG A 4 -5.16 1.07 5.34
N ARG A 5 -4.86 0.37 4.26
CA ARG A 5 -5.79 0.16 3.18
C ARG A 5 -5.74 -1.30 2.75
N ARG A 6 -6.81 -1.82 2.20
CA ARG A 6 -6.80 -3.18 1.67
C ARG A 6 -6.98 -3.15 0.16
N TYR A 7 -6.06 -3.83 -0.52
CA TYR A 7 -5.95 -3.81 -1.97
C TYR A 7 -6.28 -5.19 -2.52
N ARG A 8 -6.48 -5.30 -3.83
CA ARG A 8 -6.69 -6.60 -4.46
C ARG A 8 -5.82 -6.72 -5.70
N GLY A 9 -5.02 -7.77 -5.75
CA GLY A 9 -4.09 -7.96 -6.85
C GLY A 9 -2.91 -8.82 -6.46
N SER A 10 -1.86 -8.79 -7.28
CA SER A 10 -0.67 -9.62 -7.06
C SER A 10 0.35 -8.92 -6.16
N GLU A 11 1.40 -9.67 -5.79
CA GLU A 11 2.52 -9.12 -5.02
C GLU A 11 3.00 -7.80 -5.61
N GLU A 12 3.24 -7.81 -6.92
CA GLU A 12 3.73 -6.65 -7.65
C GLU A 12 2.86 -5.42 -7.39
N GLU A 13 1.61 -5.50 -7.82
CA GLU A 13 0.64 -4.42 -7.65
C GLU A 13 0.59 -3.95 -6.20
N CYS A 14 0.49 -4.92 -5.29
CA CYS A 14 0.33 -4.65 -3.87
C CYS A 14 1.50 -3.86 -3.30
N ARG A 15 2.70 -4.41 -3.41
CA ARG A 15 3.88 -3.85 -2.77
C ARG A 15 4.29 -2.54 -3.44
N LYS A 16 4.14 -2.48 -4.76
CA LYS A 16 4.37 -1.27 -5.51
C LYS A 16 3.47 -0.15 -4.98
N TYR A 17 2.16 -0.45 -4.89
CA TYR A 17 1.18 0.49 -4.38
C TYR A 17 1.58 0.96 -2.98
N ALA A 18 2.02 0.03 -2.14
CA ALA A 18 2.43 0.32 -0.78
C ALA A 18 3.57 1.35 -0.73
N GLU A 19 4.71 1.00 -1.34
CA GLU A 19 5.90 1.85 -1.29
C GLU A 19 5.64 3.22 -1.91
N GLU A 20 4.99 3.23 -3.08
CA GLU A 20 4.76 4.47 -3.81
C GLU A 20 3.81 5.38 -3.05
N LEU A 21 2.74 4.81 -2.51
CA LEU A 21 1.79 5.57 -1.71
C LEU A 21 2.50 6.17 -0.51
N SER A 22 3.32 5.35 0.15
CA SER A 22 4.05 5.77 1.34
C SER A 22 4.89 7.01 1.05
N ARG A 23 5.82 6.88 0.10
CA ARG A 23 6.76 7.97 -0.19
C ARG A 23 6.03 9.19 -0.78
N ARG A 24 5.04 8.94 -1.62
CA ARG A 24 4.32 10.02 -2.30
C ARG A 24 3.54 10.87 -1.30
N THR A 25 2.88 10.21 -0.35
CA THR A 25 2.08 10.90 0.65
C THR A 25 2.96 11.50 1.75
N GLY A 26 4.17 10.96 1.88
CA GLY A 26 5.06 11.38 2.95
C GLY A 26 4.58 10.86 4.30
N CYS A 27 3.84 9.75 4.24
CA CYS A 27 3.25 9.14 5.42
C CYS A 27 3.59 7.65 5.47
N GLU A 28 2.98 6.95 6.41
CA GLU A 28 3.17 5.52 6.54
C GLU A 28 1.86 4.80 6.21
N VAL A 29 1.96 3.76 5.39
CA VAL A 29 0.78 3.05 4.91
C VAL A 29 0.93 1.56 5.15
N GLU A 30 -0.14 0.95 5.62
CA GLU A 30 -0.19 -0.48 5.89
C GLU A 30 -1.17 -1.11 4.92
N VAL A 31 -0.67 -1.97 4.04
CA VAL A 31 -1.49 -2.50 2.96
C VAL A 31 -1.73 -3.99 3.13
N GLU A 32 -2.99 -4.37 3.15
CA GLU A 32 -3.41 -5.75 3.25
C GLU A 32 -4.09 -6.12 1.94
N CYS A 33 -3.54 -7.09 1.22
CA CYS A 33 -3.95 -7.35 -0.15
C CYS A 33 -4.65 -8.70 -0.28
N GLU A 34 -5.67 -8.73 -1.13
CA GLU A 34 -6.54 -9.87 -1.31
C GLU A 34 -6.69 -10.16 -2.81
N THR A 35 -7.47 -11.18 -3.13
CA THR A 35 -7.78 -11.52 -4.51
C THR A 35 -9.22 -12.08 -4.60
N CYS A 1 0.45 9.43 11.97
CA CYS A 1 -0.26 9.21 10.68
C CYS A 1 -0.21 7.73 10.30
N LYS A 2 -1.23 7.02 10.75
CA LYS A 2 -1.40 5.59 10.51
C LYS A 2 -2.27 5.36 9.29
N GLN A 3 -1.66 4.91 8.20
CA GLN A 3 -2.38 4.65 6.97
C GLN A 3 -2.33 3.17 6.62
N ARG A 4 -3.49 2.61 6.38
CA ARG A 4 -3.65 1.20 6.08
C ARG A 4 -4.84 1.04 5.15
N ARG A 5 -4.62 0.43 3.98
CA ARG A 5 -5.69 0.24 3.01
C ARG A 5 -5.76 -1.20 2.54
N ARG A 6 -6.83 -1.53 1.84
CA ARG A 6 -7.06 -2.87 1.33
C ARG A 6 -7.11 -2.84 -0.20
N TYR A 7 -6.49 -3.83 -0.83
CA TYR A 7 -6.42 -3.92 -2.27
C TYR A 7 -6.46 -5.38 -2.68
N ARG A 8 -7.02 -5.68 -3.84
CA ARG A 8 -7.09 -7.06 -4.33
C ARG A 8 -6.23 -7.22 -5.57
N GLY A 9 -5.42 -8.26 -5.60
CA GLY A 9 -4.49 -8.47 -6.69
C GLY A 9 -3.29 -9.27 -6.27
N SER A 10 -2.11 -8.92 -6.82
CA SER A 10 -0.89 -9.67 -6.57
C SER A 10 0.02 -8.94 -5.58
N GLU A 11 0.79 -9.71 -4.82
CA GLU A 11 1.74 -9.19 -3.83
C GLU A 11 2.65 -8.11 -4.43
N GLU A 12 3.16 -8.38 -5.62
CA GLU A 12 3.99 -7.42 -6.35
C GLU A 12 3.28 -6.06 -6.46
N GLU A 13 2.04 -6.10 -6.92
CA GLU A 13 1.25 -4.87 -7.11
C GLU A 13 1.00 -4.19 -5.77
N CYS A 14 0.76 -4.98 -4.73
CA CYS A 14 0.55 -4.46 -3.38
C CYS A 14 1.75 -3.60 -2.96
N ARG A 15 2.94 -4.20 -3.03
CA ARG A 15 4.17 -3.54 -2.60
C ARG A 15 4.45 -2.29 -3.44
N LYS A 16 4.22 -2.38 -4.74
CA LYS A 16 4.36 -1.21 -5.61
C LYS A 16 3.42 -0.10 -5.16
N TYR A 17 2.15 -0.44 -4.98
CA TYR A 17 1.13 0.52 -4.58
C TYR A 17 1.50 1.15 -3.23
N ALA A 18 2.03 0.31 -2.34
CA ALA A 18 2.46 0.77 -1.02
C ALA A 18 3.65 1.71 -1.12
N GLU A 19 4.57 1.42 -2.03
CA GLU A 19 5.75 2.24 -2.21
C GLU A 19 5.36 3.60 -2.80
N GLU A 20 4.48 3.58 -3.79
CA GLU A 20 3.93 4.80 -4.37
C GLU A 20 3.24 5.63 -3.29
N LEU A 21 2.48 4.94 -2.43
CA LEU A 21 1.78 5.59 -1.32
C LEU A 21 2.77 6.20 -0.34
N SER A 22 3.84 5.46 -0.05
CA SER A 22 4.85 5.92 0.89
C SER A 22 5.61 7.12 0.35
N ARG A 23 5.96 7.08 -0.94
CA ARG A 23 6.68 8.18 -1.57
C ARG A 23 5.71 9.33 -1.85
N ARG A 24 4.42 9.02 -1.87
CA ARG A 24 3.37 10.03 -1.98
C ARG A 24 3.28 10.85 -0.70
N THR A 25 2.97 10.20 0.42
CA THR A 25 2.82 10.88 1.70
C THR A 25 3.74 10.25 2.75
N GLY A 26 4.56 11.09 3.39
CA GLY A 26 5.51 10.61 4.39
C GLY A 26 4.84 10.25 5.71
N CYS A 27 4.00 9.23 5.69
CA CYS A 27 3.33 8.71 6.88
C CYS A 27 3.86 7.32 7.20
N GLU A 28 3.09 6.55 7.97
CA GLU A 28 3.36 5.14 8.16
C GLU A 28 2.21 4.38 7.50
N VAL A 29 2.47 3.90 6.29
CA VAL A 29 1.41 3.42 5.42
C VAL A 29 1.69 2.03 4.88
N GLU A 30 0.63 1.23 4.80
CA GLU A 30 0.67 -0.08 4.14
C GLU A 30 -0.67 -0.41 3.52
N VAL A 31 -0.65 -1.44 2.70
CA VAL A 31 -1.84 -1.93 2.04
C VAL A 31 -1.83 -3.46 2.10
N GLU A 32 -3.00 -4.06 2.21
CA GLU A 32 -3.13 -5.49 2.36
C GLU A 32 -3.77 -6.08 1.11
N CYS A 33 -3.57 -7.37 0.88
CA CYS A 33 -3.92 -7.97 -0.40
C CYS A 33 -5.07 -8.97 -0.23
N GLU A 34 -6.06 -8.83 -1.10
CA GLU A 34 -7.17 -9.77 -1.19
C GLU A 34 -7.14 -10.44 -2.56
N THR A 35 -7.89 -11.52 -2.69
CA THR A 35 -8.03 -12.21 -3.95
C THR A 35 -9.48 -12.68 -4.12
N CYS A 1 1.41 10.15 11.40
CA CYS A 1 0.26 9.83 10.52
C CYS A 1 0.41 8.43 9.94
N LYS A 2 -0.40 7.49 10.43
CA LYS A 2 -0.40 6.12 9.93
C LYS A 2 -1.77 5.80 9.35
N GLN A 3 -1.81 5.00 8.28
CA GLN A 3 -3.06 4.61 7.65
C GLN A 3 -2.92 3.25 6.99
N ARG A 4 -4.02 2.50 6.94
CA ARG A 4 -4.03 1.17 6.33
C ARG A 4 -4.91 1.16 5.08
N ARG A 5 -4.55 0.31 4.13
CA ARG A 5 -5.30 0.14 2.88
C ARG A 5 -5.33 -1.34 2.50
N ARG A 6 -6.16 -1.69 1.53
CA ARG A 6 -6.15 -3.04 0.95
C ARG A 6 -6.33 -2.96 -0.55
N TYR A 7 -5.52 -3.71 -1.27
CA TYR A 7 -5.49 -3.68 -2.73
C TYR A 7 -5.72 -5.10 -3.27
N ARG A 8 -6.46 -5.22 -4.36
CA ARG A 8 -6.78 -6.52 -4.94
C ARG A 8 -6.13 -6.69 -6.31
N GLY A 9 -5.55 -7.86 -6.54
CA GLY A 9 -4.85 -8.14 -7.78
C GLY A 9 -3.75 -9.16 -7.59
N SER A 10 -2.60 -8.69 -7.12
CA SER A 10 -1.44 -9.55 -6.87
C SER A 10 -0.52 -8.91 -5.85
N GLU A 11 0.20 -9.74 -5.08
CA GLU A 11 1.07 -9.27 -4.01
C GLU A 11 2.05 -8.20 -4.49
N GLU A 12 2.60 -8.38 -5.70
CA GLU A 12 3.53 -7.42 -6.26
C GLU A 12 2.85 -6.05 -6.43
N GLU A 13 1.67 -6.07 -7.04
CA GLU A 13 0.88 -4.86 -7.25
C GLU A 13 0.56 -4.19 -5.91
N CYS A 14 0.23 -5.00 -4.91
CA CYS A 14 -0.08 -4.51 -3.58
C CYS A 14 1.15 -3.81 -2.97
N ARG A 15 2.30 -4.46 -3.11
CA ARG A 15 3.57 -3.92 -2.62
C ARG A 15 3.89 -2.60 -3.30
N LYS A 16 3.74 -2.58 -4.62
CA LYS A 16 3.97 -1.37 -5.42
C LYS A 16 3.05 -0.25 -4.94
N TYR A 17 1.78 -0.58 -4.74
CA TYR A 17 0.79 0.37 -4.24
C TYR A 17 1.23 0.95 -2.90
N ALA A 18 1.79 0.09 -2.05
CA ALA A 18 2.29 0.51 -0.74
C ALA A 18 3.49 1.46 -0.89
N GLU A 19 4.41 1.10 -1.78
CA GLU A 19 5.61 1.91 -2.01
C GLU A 19 5.22 3.29 -2.54
N GLU A 20 4.39 3.30 -3.58
CA GLU A 20 3.87 4.54 -4.14
C GLU A 20 3.20 5.38 -3.06
N LEU A 21 2.36 4.74 -2.26
CA LEU A 21 1.62 5.42 -1.20
C LEU A 21 2.57 6.14 -0.24
N SER A 22 3.55 5.41 0.28
CA SER A 22 4.47 5.92 1.27
C SER A 22 5.33 7.05 0.71
N ARG A 23 5.83 6.89 -0.51
CA ARG A 23 6.67 7.92 -1.14
C ARG A 23 5.82 9.12 -1.60
N ARG A 24 4.54 8.86 -1.85
CA ARG A 24 3.61 9.90 -2.32
C ARG A 24 3.28 10.86 -1.17
N THR A 25 2.89 10.28 -0.04
CA THR A 25 2.55 11.06 1.15
C THR A 25 3.47 10.69 2.31
N GLY A 26 4.16 11.68 2.86
CA GLY A 26 5.11 11.45 3.94
C GLY A 26 4.43 10.98 5.21
N CYS A 27 4.13 9.69 5.25
CA CYS A 27 3.47 9.07 6.40
C CYS A 27 3.84 7.59 6.47
N GLU A 28 3.15 6.85 7.34
CA GLU A 28 3.32 5.41 7.45
C GLU A 28 2.06 4.72 6.98
N VAL A 29 2.11 4.20 5.77
CA VAL A 29 0.95 3.55 5.16
C VAL A 29 1.22 2.07 4.98
N GLU A 30 0.33 1.25 5.50
CA GLU A 30 0.44 -0.20 5.40
C GLU A 30 -0.70 -0.72 4.54
N VAL A 31 -0.37 -1.57 3.57
CA VAL A 31 -1.34 -2.09 2.65
C VAL A 31 -1.51 -3.59 2.83
N GLU A 32 -2.72 -4.05 2.61
CA GLU A 32 -3.08 -5.45 2.71
C GLU A 32 -3.42 -5.95 1.32
N CYS A 33 -3.10 -7.19 1.01
CA CYS A 33 -3.16 -7.66 -0.38
C CYS A 33 -4.24 -8.72 -0.58
N GLU A 34 -4.92 -8.61 -1.71
CA GLU A 34 -5.93 -9.58 -2.12
C GLU A 34 -5.72 -9.91 -3.59
N THR A 35 -6.49 -10.85 -4.12
CA THR A 35 -6.37 -11.24 -5.52
C THR A 35 -7.71 -11.09 -6.24
N CYS A 1 -0.16 11.31 10.61
CA CYS A 1 -0.63 10.82 9.31
C CYS A 1 -0.49 9.29 9.24
N LYS A 2 -1.61 8.61 9.37
CA LYS A 2 -1.66 7.14 9.35
C LYS A 2 -2.76 6.67 8.41
N GLN A 3 -2.46 5.63 7.61
CA GLN A 3 -3.43 5.06 6.68
C GLN A 3 -3.22 3.55 6.56
N ARG A 4 -4.30 2.79 6.59
CA ARG A 4 -4.25 1.36 6.35
C ARG A 4 -5.16 1.03 5.17
N ARG A 5 -4.68 0.18 4.27
CA ARG A 5 -5.41 -0.14 3.05
C ARG A 5 -5.38 -1.63 2.74
N ARG A 6 -6.46 -2.13 2.16
CA ARG A 6 -6.54 -3.48 1.66
C ARG A 6 -6.66 -3.43 0.14
N TYR A 7 -5.67 -3.99 -0.55
CA TYR A 7 -5.60 -3.89 -2.00
C TYR A 7 -5.81 -5.27 -2.61
N ARG A 8 -6.72 -5.35 -3.57
CA ARG A 8 -7.04 -6.62 -4.23
C ARG A 8 -6.60 -6.57 -5.68
N GLY A 9 -5.88 -7.60 -6.09
CA GLY A 9 -5.38 -7.69 -7.45
C GLY A 9 -4.29 -8.73 -7.57
N SER A 10 -3.08 -8.34 -7.18
CA SER A 10 -1.93 -9.25 -7.21
C SER A 10 -0.84 -8.74 -6.26
N GLU A 11 0.12 -9.61 -5.94
CA GLU A 11 1.21 -9.30 -5.03
C GLU A 11 1.94 -8.02 -5.45
N GLU A 12 2.50 -8.03 -6.65
CA GLU A 12 3.30 -6.90 -7.15
C GLU A 12 2.49 -5.61 -7.15
N GLU A 13 1.23 -5.71 -7.54
CA GLU A 13 0.33 -4.56 -7.58
C GLU A 13 0.21 -3.94 -6.18
N CYS A 14 -0.05 -4.81 -5.20
CA CYS A 14 -0.19 -4.40 -3.81
C CYS A 14 1.10 -3.76 -3.29
N ARG A 15 2.21 -4.44 -3.51
CA ARG A 15 3.51 -3.99 -3.03
C ARG A 15 3.87 -2.64 -3.63
N LYS A 16 3.70 -2.53 -4.94
CA LYS A 16 3.97 -1.29 -5.65
C LYS A 16 3.08 -0.17 -5.13
N TYR A 17 1.81 -0.49 -4.85
CA TYR A 17 0.87 0.48 -4.29
C TYR A 17 1.40 1.03 -2.97
N ALA A 18 1.84 0.12 -2.10
CA ALA A 18 2.43 0.49 -0.81
C ALA A 18 3.63 1.40 -1.02
N GLU A 19 4.49 1.02 -1.96
CA GLU A 19 5.68 1.78 -2.29
C GLU A 19 5.30 3.19 -2.76
N GLU A 20 4.39 3.26 -3.73
CA GLU A 20 3.93 4.55 -4.28
C GLU A 20 3.48 5.47 -3.15
N LEU A 21 2.56 4.98 -2.32
CA LEU A 21 1.99 5.78 -1.25
C LEU A 21 3.07 6.20 -0.25
N SER A 22 3.99 5.29 0.03
CA SER A 22 5.04 5.52 1.02
C SER A 22 6.03 6.59 0.52
N ARG A 23 6.44 6.48 -0.74
CA ARG A 23 7.42 7.41 -1.32
C ARG A 23 6.76 8.75 -1.66
N ARG A 24 5.45 8.72 -1.94
CA ARG A 24 4.73 9.92 -2.32
C ARG A 24 4.44 10.78 -1.10
N THR A 25 3.93 10.14 -0.05
CA THR A 25 3.57 10.82 1.18
C THR A 25 4.25 10.16 2.39
N GLY A 26 5.17 10.88 3.01
CA GLY A 26 5.89 10.37 4.17
C GLY A 26 5.00 10.23 5.39
N CYS A 27 4.15 9.22 5.37
CA CYS A 27 3.22 8.96 6.46
C CYS A 27 3.47 7.56 7.05
N GLU A 28 2.51 7.07 7.82
CA GLU A 28 2.59 5.73 8.40
C GLU A 28 1.51 4.86 7.77
N VAL A 29 1.92 4.00 6.85
CA VAL A 29 0.98 3.24 6.04
C VAL A 29 1.12 1.74 6.26
N GLU A 30 -0.01 1.03 6.19
CA GLU A 30 -0.03 -0.42 6.22
C GLU A 30 -0.96 -0.92 5.11
N VAL A 31 -0.41 -1.69 4.17
CA VAL A 31 -1.19 -2.19 3.05
C VAL A 31 -1.27 -3.72 3.13
N GLU A 32 -2.42 -4.25 2.73
CA GLU A 32 -2.64 -5.69 2.68
C GLU A 32 -2.81 -6.12 1.23
N CYS A 33 -2.39 -7.33 0.93
CA CYS A 33 -2.36 -7.82 -0.45
C CYS A 33 -3.36 -8.96 -0.63
N GLU A 34 -4.32 -8.75 -1.51
CA GLU A 34 -5.37 -9.72 -1.78
C GLU A 34 -5.52 -9.93 -3.29
N THR A 35 -6.44 -10.80 -3.67
CA THR A 35 -6.74 -11.08 -5.06
C THR A 35 -8.18 -11.57 -5.20
N CYS A 1 -1.09 11.36 10.65
CA CYS A 1 -1.82 10.65 9.59
C CYS A 1 -1.19 9.28 9.31
N LYS A 2 -1.76 8.23 9.92
CA LYS A 2 -1.37 6.86 9.61
C LYS A 2 -2.56 6.13 9.01
N GLN A 3 -2.34 5.46 7.87
CA GLN A 3 -3.43 4.88 7.10
C GLN A 3 -3.34 3.36 7.09
N ARG A 4 -4.49 2.71 6.97
CA ARG A 4 -4.58 1.26 6.85
C ARG A 4 -5.43 0.91 5.63
N ARG A 5 -4.80 0.31 4.63
CA ARG A 5 -5.44 -0.02 3.36
C ARG A 5 -5.23 -1.48 2.99
N ARG A 6 -6.10 -1.96 2.11
CA ARG A 6 -5.95 -3.28 1.52
C ARG A 6 -6.14 -3.16 0.02
N TYR A 7 -5.37 -3.92 -0.73
CA TYR A 7 -5.41 -3.85 -2.18
C TYR A 7 -5.50 -5.27 -2.75
N ARG A 8 -6.49 -5.50 -3.61
CA ARG A 8 -6.71 -6.82 -4.18
C ARG A 8 -6.45 -6.79 -5.68
N GLY A 9 -5.65 -7.74 -6.14
CA GLY A 9 -5.31 -7.84 -7.55
C GLY A 9 -4.16 -8.80 -7.77
N SER A 10 -3.02 -8.48 -7.18
CA SER A 10 -1.82 -9.31 -7.29
C SER A 10 -0.70 -8.74 -6.43
N GLU A 11 0.40 -9.49 -6.30
CA GLU A 11 1.60 -9.02 -5.62
C GLU A 11 2.09 -7.73 -6.26
N GLU A 12 2.15 -7.74 -7.59
CA GLU A 12 2.61 -6.58 -8.35
C GLU A 12 1.84 -5.33 -7.91
N GLU A 13 0.52 -5.40 -8.06
CA GLU A 13 -0.37 -4.27 -7.76
C GLU A 13 -0.22 -3.81 -6.30
N CYS A 14 -0.34 -4.74 -5.36
CA CYS A 14 -0.34 -4.38 -3.94
C CYS A 14 1.02 -3.85 -3.50
N ARG A 15 2.08 -4.56 -3.85
CA ARG A 15 3.43 -4.21 -3.40
C ARG A 15 3.88 -2.89 -4.00
N LYS A 16 3.52 -2.64 -5.27
CA LYS A 16 3.77 -1.35 -5.89
C LYS A 16 2.98 -0.26 -5.19
N TYR A 17 1.69 -0.54 -4.94
CA TYR A 17 0.81 0.39 -4.24
C TYR A 17 1.42 0.80 -2.91
N ALA A 18 1.89 -0.19 -2.15
CA ALA A 18 2.47 0.05 -0.82
C ALA A 18 3.76 0.86 -0.92
N GLU A 19 4.62 0.47 -1.85
CA GLU A 19 5.91 1.15 -2.06
C GLU A 19 5.66 2.63 -2.36
N GLU A 20 4.89 2.87 -3.42
CA GLU A 20 4.56 4.23 -3.85
C GLU A 20 3.89 5.00 -2.72
N LEU A 21 3.01 4.33 -1.98
CA LEU A 21 2.32 4.95 -0.87
C LEU A 21 3.33 5.48 0.15
N SER A 22 4.20 4.59 0.60
CA SER A 22 5.16 4.91 1.64
C SER A 22 6.08 6.06 1.22
N ARG A 23 6.58 6.01 -0.02
CA ARG A 23 7.54 7.01 -0.49
C ARG A 23 6.85 8.31 -0.93
N ARG A 24 5.72 8.18 -1.60
CA ARG A 24 5.05 9.32 -2.24
C ARG A 24 4.20 10.12 -1.25
N THR A 25 3.43 9.40 -0.44
CA THR A 25 2.50 10.03 0.49
C THR A 25 3.24 10.60 1.70
N GLY A 26 3.01 11.88 1.98
CA GLY A 26 3.62 12.52 3.15
C GLY A 26 2.91 12.15 4.43
N CYS A 27 2.93 10.86 4.75
CA CYS A 27 2.25 10.31 5.93
C CYS A 27 2.78 8.90 6.19
N GLU A 28 2.12 8.18 7.09
CA GLU A 28 2.46 6.79 7.37
C GLU A 28 1.32 5.91 6.91
N VAL A 29 1.65 4.75 6.36
CA VAL A 29 0.64 3.89 5.75
C VAL A 29 0.99 2.42 5.93
N GLU A 30 -0.04 1.59 6.05
CA GLU A 30 0.09 0.15 6.13
C GLU A 30 -0.88 -0.47 5.13
N VAL A 31 -0.46 -1.51 4.43
CA VAL A 31 -1.24 -2.06 3.32
C VAL A 31 -1.29 -3.59 3.37
N GLU A 32 -2.42 -4.16 2.95
CA GLU A 32 -2.61 -5.61 2.88
C GLU A 32 -2.76 -6.05 1.43
N CYS A 33 -2.30 -7.26 1.12
CA CYS A 33 -2.27 -7.76 -0.25
C CYS A 33 -3.22 -8.94 -0.43
N GLU A 34 -4.14 -8.81 -1.39
CA GLU A 34 -5.07 -9.87 -1.75
C GLU A 34 -5.04 -10.09 -3.26
N THR A 35 -5.65 -11.17 -3.74
CA THR A 35 -5.69 -11.48 -5.16
C THR A 35 -7.12 -11.89 -5.57
N CYS A 1 0.36 10.06 11.25
CA CYS A 1 -0.48 9.64 10.12
C CYS A 1 -0.06 8.25 9.61
N LYS A 2 -0.63 7.21 10.21
CA LYS A 2 -0.43 5.84 9.77
C LYS A 2 -1.76 5.28 9.26
N GLN A 3 -1.74 4.62 8.11
CA GLN A 3 -2.96 4.13 7.47
C GLN A 3 -2.81 2.70 6.98
N ARG A 4 -3.91 1.95 7.05
CA ARG A 4 -3.99 0.60 6.50
C ARG A 4 -5.05 0.56 5.38
N ARG A 5 -4.64 0.09 4.20
CA ARG A 5 -5.56 0.02 3.05
C ARG A 5 -5.72 -1.42 2.59
N ARG A 6 -6.75 -1.67 1.77
CA ARG A 6 -6.93 -2.98 1.15
C ARG A 6 -6.74 -2.88 -0.35
N TYR A 7 -5.97 -3.81 -0.89
CA TYR A 7 -5.76 -3.94 -2.32
C TYR A 7 -5.95 -5.40 -2.70
N ARG A 8 -6.76 -5.66 -3.72
CA ARG A 8 -7.01 -7.02 -4.15
C ARG A 8 -6.42 -7.27 -5.53
N GLY A 9 -5.75 -8.40 -5.69
CA GLY A 9 -5.10 -8.73 -6.94
C GLY A 9 -3.71 -9.29 -6.75
N SER A 10 -2.74 -8.75 -7.50
CA SER A 10 -1.37 -9.23 -7.44
C SER A 10 -0.60 -8.57 -6.30
N GLU A 11 0.09 -9.38 -5.51
CA GLU A 11 0.85 -8.89 -4.35
C GLU A 11 1.97 -7.98 -4.81
N GLU A 12 2.47 -8.21 -6.03
CA GLU A 12 3.45 -7.36 -6.64
C GLU A 12 2.91 -5.94 -6.72
N GLU A 13 1.67 -5.82 -7.22
CA GLU A 13 1.00 -4.54 -7.34
C GLU A 13 0.75 -3.94 -5.96
N CYS A 14 0.35 -4.79 -5.02
CA CYS A 14 0.10 -4.36 -3.65
C CYS A 14 1.35 -3.70 -3.06
N ARG A 15 2.52 -4.32 -3.29
CA ARG A 15 3.79 -3.80 -2.78
C ARG A 15 4.14 -2.47 -3.47
N LYS A 16 4.00 -2.45 -4.80
CA LYS A 16 4.25 -1.25 -5.59
C LYS A 16 3.44 -0.07 -5.04
N TYR A 17 2.14 -0.31 -4.89
CA TYR A 17 1.20 0.71 -4.44
C TYR A 17 1.56 1.21 -3.03
N ALA A 18 1.76 0.26 -2.11
CA ALA A 18 2.13 0.61 -0.74
C ALA A 18 3.36 1.52 -0.70
N GLU A 19 4.41 1.11 -1.40
CA GLU A 19 5.68 1.82 -1.40
C GLU A 19 5.53 3.22 -2.00
N GLU A 20 4.93 3.29 -3.20
CA GLU A 20 4.80 4.57 -3.90
C GLU A 20 3.98 5.55 -3.07
N LEU A 21 2.82 5.09 -2.60
CA LEU A 21 1.95 5.92 -1.78
C LEU A 21 2.66 6.35 -0.49
N SER A 22 3.46 5.44 0.04
CA SER A 22 4.24 5.71 1.25
C SER A 22 5.16 6.91 1.04
N ARG A 23 6.03 6.83 0.04
CA ARG A 23 6.99 7.90 -0.23
C ARG A 23 6.32 9.12 -0.85
N ARG A 24 5.13 8.90 -1.41
CA ARG A 24 4.39 9.99 -2.04
C ARG A 24 3.86 10.94 -0.98
N THR A 25 3.16 10.38 0.01
CA THR A 25 2.54 11.18 1.05
C THR A 25 3.58 11.69 2.06
N GLY A 26 4.51 10.81 2.41
CA GLY A 26 5.50 11.14 3.43
C GLY A 26 5.11 10.56 4.78
N CYS A 27 3.85 10.17 4.90
CA CYS A 27 3.34 9.52 6.10
C CYS A 27 3.64 8.03 6.07
N GLU A 28 2.97 7.26 6.92
CA GLU A 28 3.10 5.82 6.90
C GLU A 28 1.77 5.20 6.48
N VAL A 29 1.85 4.34 5.47
CA VAL A 29 0.67 3.68 4.93
C VAL A 29 1.04 2.33 4.36
N GLU A 30 0.38 1.30 4.85
CA GLU A 30 0.64 -0.05 4.38
C GLU A 30 -0.68 -0.68 3.93
N VAL A 31 -0.62 -1.54 2.94
CA VAL A 31 -1.81 -2.11 2.37
C VAL A 31 -1.85 -3.60 2.64
N GLU A 32 -3.00 -4.18 2.44
CA GLU A 32 -3.16 -5.62 2.55
C GLU A 32 -3.48 -6.16 1.18
N CYS A 33 -2.96 -7.34 0.86
CA CYS A 33 -3.08 -7.90 -0.47
C CYS A 33 -3.95 -9.14 -0.43
N GLU A 34 -5.15 -9.02 -1.01
CA GLU A 34 -6.21 -10.02 -0.86
C GLU A 34 -6.89 -10.26 -2.20
N THR A 35 -7.89 -11.14 -2.18
CA THR A 35 -8.75 -11.33 -3.33
C THR A 35 -10.21 -11.02 -2.96
N CYS A 1 2.21 9.87 11.10
CA CYS A 1 1.15 9.57 10.12
C CYS A 1 1.25 8.13 9.64
N LYS A 2 0.34 7.30 10.13
CA LYS A 2 0.25 5.89 9.73
C LYS A 2 -1.16 5.59 9.24
N GLN A 3 -1.25 5.09 8.02
CA GLN A 3 -2.54 4.82 7.38
C GLN A 3 -2.73 3.33 7.16
N ARG A 4 -3.97 2.91 6.91
CA ARG A 4 -4.28 1.52 6.61
C ARG A 4 -5.27 1.46 5.44
N ARG A 5 -5.01 0.59 4.47
CA ARG A 5 -5.83 0.52 3.26
C ARG A 5 -5.88 -0.91 2.72
N ARG A 6 -6.66 -1.12 1.66
CA ARG A 6 -6.83 -2.45 1.09
C ARG A 6 -6.64 -2.42 -0.41
N TYR A 7 -6.23 -3.55 -0.97
CA TYR A 7 -6.00 -3.69 -2.39
C TYR A 7 -6.18 -5.16 -2.78
N ARG A 8 -6.18 -5.46 -4.07
CA ARG A 8 -6.31 -6.84 -4.52
C ARG A 8 -5.39 -7.09 -5.72
N GLY A 9 -4.70 -8.23 -5.71
CA GLY A 9 -3.77 -8.55 -6.79
C GLY A 9 -2.58 -9.36 -6.30
N SER A 10 -1.46 -9.23 -7.01
CA SER A 10 -0.26 -10.02 -6.73
C SER A 10 0.78 -9.21 -5.96
N GLU A 11 1.90 -9.86 -5.66
CA GLU A 11 2.97 -9.27 -4.83
C GLU A 11 3.47 -7.95 -5.43
N GLU A 12 3.64 -7.91 -6.75
CA GLU A 12 4.13 -6.71 -7.43
C GLU A 12 3.21 -5.54 -7.13
N GLU A 13 1.91 -5.78 -7.29
CA GLU A 13 0.90 -4.75 -7.14
C GLU A 13 0.83 -4.27 -5.71
N CYS A 14 0.91 -5.21 -4.77
CA CYS A 14 0.91 -4.89 -3.35
C CYS A 14 2.10 -3.99 -2.98
N ARG A 15 3.29 -4.41 -3.38
CA ARG A 15 4.50 -3.65 -3.09
C ARG A 15 4.43 -2.26 -3.73
N LYS A 16 4.27 -2.25 -5.04
CA LYS A 16 4.18 -1.04 -5.83
C LYS A 16 3.19 -0.05 -5.20
N TYR A 17 1.97 -0.54 -4.95
CA TYR A 17 0.90 0.29 -4.39
C TYR A 17 1.33 0.89 -3.04
N ALA A 18 1.78 0.03 -2.13
CA ALA A 18 2.15 0.45 -0.77
C ALA A 18 3.32 1.44 -0.79
N GLU A 19 4.37 1.10 -1.53
CA GLU A 19 5.57 1.92 -1.57
C GLU A 19 5.27 3.29 -2.15
N GLU A 20 4.59 3.32 -3.30
CA GLU A 20 4.20 4.58 -3.93
C GLU A 20 3.32 5.40 -2.99
N LEU A 21 2.40 4.71 -2.31
CA LEU A 21 1.47 5.35 -1.39
C LEU A 21 2.24 6.09 -0.30
N SER A 22 3.19 5.40 0.32
CA SER A 22 4.00 5.96 1.38
C SER A 22 4.81 7.17 0.88
N ARG A 23 5.61 6.94 -0.16
CA ARG A 23 6.53 7.96 -0.67
C ARG A 23 5.78 9.16 -1.26
N ARG A 24 4.55 8.94 -1.72
CA ARG A 24 3.74 10.03 -2.26
C ARG A 24 3.10 10.85 -1.14
N THR A 25 2.31 10.17 -0.30
CA THR A 25 1.54 10.83 0.75
C THR A 25 2.46 11.46 1.79
N GLY A 26 3.70 10.97 1.87
CA GLY A 26 4.61 11.44 2.90
C GLY A 26 4.23 10.88 4.26
N CYS A 27 3.96 9.58 4.27
CA CYS A 27 3.49 8.90 5.47
C CYS A 27 3.95 7.45 5.46
N GLU A 28 3.49 6.70 6.47
CA GLU A 28 3.67 5.27 6.52
C GLU A 28 2.29 4.62 6.40
N VAL A 29 2.19 3.52 5.66
CA VAL A 29 0.90 2.90 5.41
C VAL A 29 0.99 1.38 5.43
N GLU A 30 -0.05 0.75 5.96
CA GLU A 30 -0.18 -0.70 5.94
C GLU A 30 -1.37 -1.06 5.07
N VAL A 31 -1.10 -1.83 4.03
CA VAL A 31 -2.12 -2.21 3.09
C VAL A 31 -2.31 -3.71 3.12
N GLU A 32 -3.55 -4.15 2.92
CA GLU A 32 -3.88 -5.56 2.94
C GLU A 32 -4.31 -5.99 1.55
N CYS A 33 -3.92 -7.20 1.16
CA CYS A 33 -4.12 -7.68 -0.19
C CYS A 33 -5.11 -8.83 -0.25
N GLU A 34 -6.02 -8.75 -1.22
CA GLU A 34 -6.99 -9.79 -1.46
C GLU A 34 -6.82 -10.35 -2.88
N THR A 35 -7.57 -11.39 -3.20
CA THR A 35 -7.48 -12.04 -4.50
C THR A 35 -8.85 -12.62 -4.87
N CYS A 1 -0.37 9.99 11.00
CA CYS A 1 -0.06 9.77 9.57
C CYS A 1 0.37 8.31 9.34
N LYS A 2 -0.26 7.40 10.08
CA LYS A 2 -0.05 5.97 9.89
C LYS A 2 -1.39 5.34 9.53
N GLN A 3 -1.50 4.89 8.29
CA GLN A 3 -2.79 4.41 7.77
C GLN A 3 -2.62 3.04 7.14
N ARG A 4 -3.74 2.32 6.96
CA ARG A 4 -3.72 1.02 6.30
C ARG A 4 -4.88 0.91 5.31
N ARG A 5 -4.64 0.23 4.19
CA ARG A 5 -5.66 0.03 3.16
C ARG A 5 -5.63 -1.42 2.66
N ARG A 6 -6.57 -1.77 1.80
CA ARG A 6 -6.61 -3.08 1.17
C ARG A 6 -6.75 -2.94 -0.34
N TYR A 7 -5.83 -3.56 -1.07
CA TYR A 7 -5.83 -3.51 -2.53
C TYR A 7 -6.10 -4.91 -3.06
N ARG A 8 -6.57 -5.02 -4.30
CA ARG A 8 -6.90 -6.32 -4.88
C ARG A 8 -5.94 -6.65 -6.02
N GLY A 9 -5.29 -7.79 -5.92
CA GLY A 9 -4.33 -8.20 -6.93
C GLY A 9 -3.27 -9.13 -6.37
N SER A 10 -2.03 -8.95 -6.80
CA SER A 10 -0.93 -9.80 -6.38
C SER A 10 0.01 -9.01 -5.44
N GLU A 11 0.93 -9.72 -4.80
CA GLU A 11 1.82 -9.12 -3.80
C GLU A 11 2.72 -8.06 -4.43
N GLU A 12 3.16 -8.31 -5.66
CA GLU A 12 3.95 -7.33 -6.41
C GLU A 12 3.20 -6.00 -6.50
N GLU A 13 1.95 -6.08 -6.93
CA GLU A 13 1.10 -4.91 -7.06
C GLU A 13 0.87 -4.25 -5.70
N CYS A 14 0.72 -5.07 -4.66
CA CYS A 14 0.56 -4.57 -3.29
C CYS A 14 1.78 -3.76 -2.88
N ARG A 15 2.97 -4.32 -3.16
CA ARG A 15 4.22 -3.69 -2.74
C ARG A 15 4.42 -2.34 -3.45
N LYS A 16 4.36 -2.35 -4.78
CA LYS A 16 4.51 -1.14 -5.54
C LYS A 16 3.49 -0.08 -5.11
N TYR A 17 2.24 -0.51 -4.96
CA TYR A 17 1.15 0.37 -4.53
C TYR A 17 1.48 1.01 -3.18
N ALA A 18 1.89 0.19 -2.23
CA ALA A 18 2.18 0.66 -0.87
C ALA A 18 3.39 1.59 -0.86
N GLU A 19 4.42 1.23 -1.64
CA GLU A 19 5.65 2.00 -1.70
C GLU A 19 5.37 3.39 -2.26
N GLU A 20 4.71 3.42 -3.41
CA GLU A 20 4.34 4.67 -4.06
C GLU A 20 3.39 5.47 -3.18
N LEU A 21 2.45 4.77 -2.56
CA LEU A 21 1.47 5.38 -1.66
C LEU A 21 2.17 6.05 -0.48
N SER A 22 3.14 5.35 0.08
CA SER A 22 3.90 5.83 1.24
C SER A 22 4.69 7.09 0.86
N ARG A 23 5.47 7.02 -0.22
CA ARG A 23 6.29 8.15 -0.64
C ARG A 23 5.42 9.32 -1.09
N ARG A 24 4.25 9.01 -1.64
CA ARG A 24 3.32 10.03 -2.12
C ARG A 24 2.77 10.84 -0.95
N THR A 25 2.30 10.13 0.08
CA THR A 25 1.77 10.75 1.28
C THR A 25 2.90 11.33 2.14
N GLY A 26 4.07 10.70 2.05
CA GLY A 26 5.20 11.10 2.87
C GLY A 26 5.06 10.64 4.31
N CYS A 27 4.20 9.66 4.51
CA CYS A 27 3.90 9.14 5.84
C CYS A 27 4.06 7.62 5.86
N GLU A 28 3.43 6.94 6.81
CA GLU A 28 3.57 5.49 6.93
C GLU A 28 2.23 4.81 6.65
N VAL A 29 2.18 4.07 5.56
CA VAL A 29 0.97 3.40 5.13
C VAL A 29 1.23 1.91 4.91
N GLU A 30 0.30 1.09 5.37
CA GLU A 30 0.35 -0.36 5.19
C GLU A 30 -0.80 -0.78 4.29
N VAL A 31 -0.64 -1.88 3.58
CA VAL A 31 -1.67 -2.36 2.67
C VAL A 31 -1.78 -3.88 2.74
N GLU A 32 -2.99 -4.38 2.54
CA GLU A 32 -3.24 -5.82 2.53
C GLU A 32 -3.68 -6.22 1.11
N CYS A 33 -3.63 -7.51 0.81
CA CYS A 33 -3.91 -8.00 -0.53
C CYS A 33 -5.19 -8.82 -0.57
N GLU A 34 -6.11 -8.43 -1.44
CA GLU A 34 -7.38 -9.11 -1.62
C GLU A 34 -7.42 -9.74 -3.01
N THR A 35 -8.36 -10.65 -3.21
CA THR A 35 -8.54 -11.29 -4.53
C THR A 35 -9.28 -10.37 -5.48
N CYS A 1 -1.78 10.59 10.42
CA CYS A 1 -0.59 10.29 9.58
C CYS A 1 -0.41 8.77 9.45
N LYS A 2 -1.44 8.01 9.84
CA LYS A 2 -1.45 6.58 9.63
C LYS A 2 -2.54 6.22 8.62
N GLN A 3 -2.18 5.46 7.60
CA GLN A 3 -3.13 5.00 6.61
C GLN A 3 -3.11 3.49 6.52
N ARG A 4 -4.30 2.91 6.58
CA ARG A 4 -4.47 1.46 6.53
C ARG A 4 -5.24 1.12 5.25
N ARG A 5 -4.60 0.36 4.37
CA ARG A 5 -5.13 0.12 3.03
C ARG A 5 -5.52 -1.33 2.84
N ARG A 6 -6.66 -1.54 2.19
CA ARG A 6 -7.11 -2.86 1.81
C ARG A 6 -7.10 -2.94 0.28
N TYR A 7 -6.09 -3.62 -0.26
CA TYR A 7 -5.88 -3.66 -1.70
C TYR A 7 -6.10 -5.08 -2.22
N ARG A 8 -6.58 -5.17 -3.45
CA ARG A 8 -6.79 -6.46 -4.10
C ARG A 8 -5.91 -6.58 -5.34
N GLY A 9 -4.94 -7.49 -5.27
CA GLY A 9 -4.00 -7.68 -6.34
C GLY A 9 -2.88 -8.63 -5.94
N SER A 10 -1.97 -8.90 -6.86
CA SER A 10 -0.86 -9.81 -6.60
C SER A 10 0.28 -9.09 -5.88
N GLU A 11 1.27 -9.87 -5.43
CA GLU A 11 2.41 -9.36 -4.67
C GLU A 11 3.01 -8.10 -5.32
N GLU A 12 3.13 -8.12 -6.65
CA GLU A 12 3.74 -7.02 -7.38
C GLU A 12 2.90 -5.76 -7.24
N GLU A 13 1.61 -5.87 -7.54
CA GLU A 13 0.69 -4.73 -7.41
C GLU A 13 0.74 -4.16 -6.01
N CYS A 14 0.79 -5.05 -5.02
CA CYS A 14 0.91 -4.66 -3.62
C CYS A 14 2.15 -3.80 -3.41
N ARG A 15 3.31 -4.31 -3.81
CA ARG A 15 4.57 -3.60 -3.63
C ARG A 15 4.57 -2.26 -4.36
N LYS A 16 4.08 -2.26 -5.59
CA LYS A 16 4.04 -1.11 -6.42
C LYS A 16 3.16 -0.01 -5.80
N TYR A 17 1.90 -0.34 -5.59
CA TYR A 17 0.92 0.59 -5.03
C TYR A 17 1.35 1.08 -3.65
N ALA A 18 1.74 0.13 -2.80
CA ALA A 18 2.11 0.45 -1.42
C ALA A 18 3.32 1.37 -1.34
N GLU A 19 4.35 1.06 -2.14
CA GLU A 19 5.58 1.84 -2.10
C GLU A 19 5.37 3.23 -2.66
N GLU A 20 4.69 3.31 -3.82
CA GLU A 20 4.36 4.59 -4.42
C GLU A 20 3.59 5.48 -3.42
N LEU A 21 2.58 4.89 -2.78
CA LEU A 21 1.76 5.61 -1.82
C LEU A 21 2.61 6.07 -0.63
N SER A 22 3.38 5.13 -0.07
CA SER A 22 4.16 5.40 1.14
C SER A 22 5.26 6.42 0.87
N ARG A 23 5.82 6.42 -0.34
CA ARG A 23 6.88 7.36 -0.71
C ARG A 23 6.26 8.70 -1.12
N ARG A 24 5.00 8.64 -1.57
CA ARG A 24 4.26 9.84 -1.92
C ARG A 24 3.96 10.67 -0.66
N THR A 25 3.46 10.01 0.37
CA THR A 25 3.06 10.67 1.60
C THR A 25 3.98 10.30 2.76
N GLY A 26 4.68 11.29 3.30
CA GLY A 26 5.55 11.07 4.45
C GLY A 26 4.75 10.72 5.69
N CYS A 27 4.33 9.46 5.76
CA CYS A 27 3.50 8.97 6.86
C CYS A 27 3.73 7.48 7.07
N GLU A 28 2.85 6.83 7.83
CA GLU A 28 2.94 5.40 8.09
C GLU A 28 1.76 4.70 7.44
N VAL A 29 2.05 3.92 6.39
CA VAL A 29 1.02 3.24 5.61
C VAL A 29 1.18 1.73 5.69
N GLU A 30 0.10 1.05 6.07
CA GLU A 30 0.08 -0.42 6.11
C GLU A 30 -0.92 -0.92 5.07
N VAL A 31 -0.45 -1.76 4.15
CA VAL A 31 -1.29 -2.25 3.06
C VAL A 31 -1.47 -3.76 3.14
N GLU A 32 -2.71 -4.21 2.98
CA GLU A 32 -3.05 -5.63 2.97
C GLU A 32 -3.52 -6.02 1.58
N CYS A 33 -3.42 -7.31 1.27
CA CYS A 33 -3.69 -7.77 -0.10
C CYS A 33 -4.72 -8.90 -0.12
N GLU A 34 -5.62 -8.82 -1.08
CA GLU A 34 -6.55 -9.91 -1.39
C GLU A 34 -6.57 -10.12 -2.90
N THR A 35 -7.36 -11.07 -3.37
CA THR A 35 -7.43 -11.38 -4.79
C THR A 35 -8.77 -10.92 -5.38
#